data_7RCX
#
_entry.id   7RCX
#
_cell.length_a   65.300
_cell.length_b   122.460
_cell.length_c   70.730
_cell.angle_alpha   90.000
_cell.angle_beta   103.400
_cell.angle_gamma   90.000
#
_symmetry.space_group_name_H-M   'P 1 21 1'
#
loop_
_entity.id
_entity.type
_entity.pdbx_description
1 polymer 'Penicillin-binding protein'
2 non-polymer 'SULFATE ION'
3 non-polymer GLYCEROL
4 non-polymer 'ZINC ION'
5 water water
#
_entity_poly.entity_id   1
_entity_poly.type   'polypeptide(L)'
_entity_poly.pdbx_seq_one_letter_code
;YEYYNELAENKTYKKLAIEAPRGEIKDRYGRLLAGNKNLFTVQVSGNDINKKDANKHSRANEISLKLINLLERNGEEYVD
EFPIYVENGKYYYTYDRDIREYKSENGIPNDYNAKESFYYLVDKLISAGILSQEDKRLDATRLQAKLNENGYYPPILVSK
WMFTAERDKRDWLASYKIKETKLSAKEAFEKVRNSDALEIDKSLSDEDARKIMVVRDLIKSKGYSQYNPVTIAKDVGETT
IAQIEESAMDLVGVSIAVEPVRYYPNGSLASHMLGYVGKMPSTQIESYLQKGYETGDMVGLAGVEKSNESRLRGTDGYKM
VKVDALGRISKEIESKKPKSGDTVYLTLDKDLQEVSDNALKQIIEVASKGGTFKSKFGDKPISAYAGKAQSAALIAIDVK
NGEVLASSSYPNYDPNKFAKGISTEDYKALQPKNPNDLLAGSPLLNLVTQGEFQPGSSFKMLTSMAALENGLDPNFTIND
PGVIMLGKKSFGDYVWNHGRGNHGMTNLYKAIQESCNIYMATIGTGKTWPDGKSIGIDMNANKILEYAKLFGLDQNTGLQ
DEVEERAGKVPSTEDKLKSTQALLKSNLEREMANDFVDITREKNPKEYEKRINEIVSWAAEKKTPGRVETMNRLKKMNVK
EDRIEEVADLAVFSYFNFAKWSTADTFNLAIGQGENAYTPAQISRYVAAIANGGNLVELSVVDRAVSSDYSSVKINDQKK
VEKIPFKNPDNLKELTKGMKLVARQGTAKSAFADFPIDVAAKTGTAEKSGKIPTDNEYEYLKSHMSSYNVNLNDAIKLAD
KMKAEKEKELSLAKEKEIKKKLENKDLKDEERKKLEEELEDGVKVRLEDTDKVNSSYLRKAIKELNPKITDDQIDRFKQD
YGSFTWTVAFAPADDPEIAVVCVIPQGDSSVFSLLPTREVIGTYMGL
;
_entity_poly.pdbx_strand_id   A
#
# COMPACT_ATOMS: atom_id res chain seq x y z
N ALA A 20 26.65 13.81 18.30
CA ALA A 20 25.71 14.76 17.59
C ALA A 20 24.26 14.40 17.94
N PRO A 21 23.56 15.15 18.82
CA PRO A 21 22.14 14.90 19.04
C PRO A 21 21.37 15.07 17.70
N ARG A 22 20.45 14.15 17.39
CA ARG A 22 19.66 14.16 16.13
C ARG A 22 18.68 15.33 16.09
N GLY A 23 18.56 15.98 14.92
CA GLY A 23 17.72 17.17 14.69
C GLY A 23 16.26 16.88 14.98
N GLU A 24 15.58 17.79 15.69
CA GLU A 24 14.13 17.64 16.01
C GLU A 24 13.35 17.88 14.73
N ILE A 25 12.22 17.19 14.56
CA ILE A 25 11.20 17.56 13.54
C ILE A 25 10.06 18.31 14.23
N LYS A 26 9.67 19.48 13.72
CA LYS A 26 8.55 20.28 14.27
C LYS A 26 7.51 20.52 13.18
N ASP A 27 6.28 20.85 13.57
CA ASP A 27 5.19 21.26 12.64
C ASP A 27 5.45 22.72 12.28
N ARG A 28 4.63 23.32 11.43
CA ARG A 28 4.92 24.65 10.84
C ARG A 28 5.03 25.74 11.92
N TYR A 29 4.59 25.44 13.15
CA TYR A 29 4.40 26.44 14.24
C TYR A 29 5.33 26.14 15.41
N GLY A 30 6.20 25.14 15.31
CA GLY A 30 7.25 24.84 16.31
C GLY A 30 6.91 23.70 17.26
N ARG A 31 5.74 23.07 17.13
CA ARG A 31 5.35 21.98 18.07
C ARG A 31 6.17 20.73 17.74
N LEU A 32 6.72 20.08 18.76
CA LEU A 32 7.67 18.94 18.55
C LEU A 32 6.89 17.77 17.97
N LEU A 33 7.41 17.16 16.90
CA LEU A 33 6.81 15.95 16.27
C LEU A 33 7.74 14.74 16.44
N ALA A 34 9.04 15.00 16.58
CA ALA A 34 10.10 13.98 16.77
C ALA A 34 11.29 14.64 17.45
N GLY A 35 11.67 14.12 18.61
CA GLY A 35 12.79 14.64 19.40
C GLY A 35 13.57 13.51 20.01
N ASN A 36 14.49 13.85 20.89
CA ASN A 36 15.34 12.93 21.69
C ASN A 36 14.96 13.08 23.16
N LYS A 37 14.89 11.97 23.89
CA LYS A 37 14.68 11.91 25.35
C LYS A 37 15.48 10.72 25.89
N ASN A 38 15.63 10.64 27.22
CA ASN A 38 16.25 9.50 27.96
C ASN A 38 15.13 8.56 28.40
N LEU A 39 15.41 7.25 28.43
CA LEU A 39 14.45 6.20 28.86
C LEU A 39 15.12 5.30 29.91
N PHE A 40 14.43 5.07 31.02
CA PHE A 40 14.72 3.97 31.98
C PHE A 40 14.38 2.67 31.25
N THR A 41 15.28 1.70 31.24
CA THR A 41 15.16 0.41 30.48
C THR A 41 15.71 -0.74 31.31
N VAL A 42 15.10 -1.91 31.17
CA VAL A 42 15.52 -3.14 31.90
C VAL A 42 16.53 -3.87 31.01
N GLN A 43 17.65 -4.30 31.61
CA GLN A 43 18.70 -5.09 30.93
C GLN A 43 18.93 -6.41 31.68
N VAL A 44 19.42 -7.43 30.96
CA VAL A 44 19.78 -8.78 31.48
C VAL A 44 21.21 -9.12 31.02
N SER A 45 22.03 -9.75 31.88
CA SER A 45 23.43 -10.16 31.58
C SER A 45 23.49 -11.64 31.20
N GLY A 46 24.10 -11.96 30.05
CA GLY A 46 24.21 -13.32 29.52
C GLY A 46 24.79 -14.31 30.53
N ASN A 47 25.78 -13.88 31.32
CA ASN A 47 26.49 -14.80 32.26
C ASN A 47 25.98 -14.56 33.68
N ASP A 48 25.79 -13.29 34.06
CA ASP A 48 25.44 -12.88 35.44
C ASP A 48 24.17 -13.63 35.89
N ILE A 49 23.24 -13.90 34.95
CA ILE A 49 21.96 -14.65 35.21
C ILE A 49 22.25 -16.15 35.21
N ASN A 50 23.08 -16.63 34.27
CA ASN A 50 23.38 -18.07 34.04
C ASN A 50 24.28 -18.63 35.16
N LYS A 51 24.43 -17.91 36.28
CA LYS A 51 25.11 -18.37 37.53
C LYS A 51 26.36 -19.19 37.21
N LYS A 52 26.42 -20.45 37.69
CA LYS A 52 27.57 -21.37 37.46
C LYS A 52 27.09 -22.82 37.53
N ASP A 53 27.71 -23.69 36.74
CA ASP A 53 27.36 -25.13 36.61
C ASP A 53 27.67 -25.86 37.92
N ALA A 54 28.69 -25.40 38.65
CA ALA A 54 29.14 -25.94 39.95
C ALA A 54 27.98 -25.93 40.95
N ASN A 55 27.20 -24.84 40.96
CA ASN A 55 25.90 -24.74 41.71
C ASN A 55 24.92 -25.77 41.12
N LYS A 56 25.01 -25.98 39.79
CA LYS A 56 24.13 -26.82 38.94
C LYS A 56 22.74 -26.17 38.88
N HIS A 57 22.70 -24.86 39.14
CA HIS A 57 21.47 -24.03 39.05
C HIS A 57 21.48 -23.35 37.68
N SER A 58 20.66 -23.81 36.74
CA SER A 58 20.39 -23.03 35.50
C SER A 58 19.28 -22.02 35.83
N ARG A 59 19.51 -21.20 36.86
CA ARG A 59 18.51 -20.27 37.45
C ARG A 59 17.90 -19.37 36.37
N ALA A 60 18.63 -19.17 35.27
CA ALA A 60 18.19 -18.43 34.05
C ALA A 60 16.69 -18.62 33.79
N ASN A 61 16.17 -19.85 33.90
CA ASN A 61 14.74 -20.14 33.61
C ASN A 61 13.83 -19.54 34.68
N GLU A 62 14.34 -19.32 35.90
CA GLU A 62 13.55 -18.79 37.05
C GLU A 62 13.50 -17.26 36.98
N ILE A 63 14.66 -16.59 36.85
CA ILE A 63 14.76 -15.10 36.82
C ILE A 63 14.05 -14.57 35.57
N SER A 64 14.09 -15.33 34.46
CA SER A 64 13.45 -14.99 33.17
C SER A 64 11.91 -15.07 33.29
N LEU A 65 11.40 -16.19 33.81
CA LEU A 65 9.95 -16.43 34.01
C LEU A 65 9.37 -15.36 34.93
N LYS A 66 10.11 -14.99 35.98
CA LYS A 66 9.71 -13.94 36.95
C LYS A 66 9.72 -12.56 36.26
N LEU A 67 10.72 -12.31 35.42
CA LEU A 67 10.96 -11.00 34.75
C LEU A 67 9.82 -10.70 33.77
N ILE A 68 9.46 -11.65 32.90
CA ILE A 68 8.37 -11.48 31.87
C ILE A 68 7.00 -11.38 32.57
N ASN A 69 6.84 -12.01 33.74
CA ASN A 69 5.58 -11.99 34.53
C ASN A 69 5.56 -10.73 35.42
N LEU A 70 6.72 -10.28 35.91
CA LEU A 70 6.84 -8.98 36.62
C LEU A 70 6.42 -7.86 35.65
N LEU A 71 6.91 -7.93 34.41
CA LEU A 71 6.68 -6.92 33.35
C LEU A 71 5.19 -6.87 33.00
N GLU A 72 4.61 -8.03 32.63
CA GLU A 72 3.19 -8.14 32.21
C GLU A 72 2.27 -7.57 33.30
N ARG A 73 2.46 -8.02 34.55
CA ARG A 73 1.70 -7.54 35.74
C ARG A 73 1.81 -6.01 35.85
N ASN A 74 2.95 -5.43 35.48
CA ASN A 74 3.21 -3.97 35.54
C ASN A 74 2.76 -3.31 34.21
N GLY A 75 2.40 -4.12 33.21
CA GLY A 75 1.73 -3.71 31.95
C GLY A 75 2.70 -3.16 30.90
N GLU A 76 3.93 -3.68 30.85
CA GLU A 76 5.04 -3.14 30.01
C GLU A 76 5.07 -3.86 28.67
N GLU A 77 5.41 -3.15 27.59
CA GLU A 77 5.80 -3.74 26.28
C GLU A 77 7.25 -4.23 26.41
N TYR A 78 7.49 -5.52 26.13
CA TYR A 78 8.82 -6.16 26.25
C TYR A 78 9.25 -6.75 24.89
N VAL A 79 10.56 -6.80 24.68
CA VAL A 79 11.21 -7.28 23.44
C VAL A 79 10.97 -8.79 23.33
N ASP A 80 10.66 -9.24 22.13
CA ASP A 80 10.30 -10.65 21.80
C ASP A 80 10.59 -10.87 20.31
N GLU A 81 11.82 -11.26 19.99
CA GLU A 81 12.29 -11.62 18.63
C GLU A 81 12.33 -13.15 18.51
N PHE A 82 11.84 -13.86 19.53
CA PHE A 82 11.80 -15.35 19.54
C PHE A 82 10.87 -15.77 18.39
N PRO A 83 11.38 -16.54 17.39
CA PRO A 83 10.69 -16.69 16.10
C PRO A 83 9.58 -17.76 16.06
N ILE A 84 9.07 -18.23 17.20
CA ILE A 84 7.87 -19.12 17.30
C ILE A 84 6.80 -18.39 18.13
N TYR A 85 5.76 -17.86 17.47
CA TYR A 85 4.69 -17.03 18.10
C TYR A 85 3.40 -17.86 18.13
N VAL A 86 2.54 -17.55 19.11
CA VAL A 86 1.21 -18.20 19.31
C VAL A 86 0.14 -17.26 18.74
N GLU A 87 -0.60 -17.73 17.71
CA GLU A 87 -1.75 -17.01 17.08
C GLU A 87 -2.93 -18.00 17.03
N ASN A 88 -3.72 -18.04 18.09
CA ASN A 88 -4.98 -18.85 18.21
C ASN A 88 -4.65 -20.34 18.28
N GLY A 89 -4.08 -20.80 19.41
CA GLY A 89 -3.91 -22.23 19.77
C GLY A 89 -2.85 -22.95 18.95
N LYS A 90 -2.32 -22.32 17.90
CA LYS A 90 -1.32 -22.91 16.95
C LYS A 90 0.04 -22.21 17.12
N TYR A 91 1.13 -22.90 16.74
CA TYR A 91 2.52 -22.41 16.76
C TYR A 91 3.02 -22.24 15.31
N TYR A 92 3.42 -21.03 14.94
CA TYR A 92 3.97 -20.68 13.60
C TYR A 92 5.40 -20.15 13.74
N TYR A 93 6.13 -20.08 12.62
CA TYR A 93 7.46 -19.42 12.48
C TYR A 93 7.27 -17.96 12.03
N THR A 94 8.00 -17.03 12.65
CA THR A 94 8.10 -15.61 12.20
C THR A 94 8.83 -15.58 10.86
N TYR A 95 9.91 -16.36 10.73
CA TYR A 95 10.70 -16.53 9.49
C TYR A 95 9.74 -16.85 8.33
N ASP A 96 8.76 -17.72 8.59
CA ASP A 96 7.75 -18.21 7.61
C ASP A 96 6.77 -17.09 7.26
N ARG A 97 6.24 -16.40 8.29
CA ARG A 97 5.26 -15.28 8.12
C ARG A 97 5.86 -14.23 7.17
N ASP A 98 7.09 -13.78 7.42
CA ASP A 98 7.82 -12.80 6.56
C ASP A 98 7.76 -13.28 5.11
N ILE A 99 7.84 -14.60 4.89
CA ILE A 99 7.82 -15.22 3.53
C ILE A 99 6.41 -15.06 2.93
N ARG A 100 5.39 -15.62 3.58
CA ARG A 100 3.98 -15.63 3.09
C ARG A 100 3.51 -14.19 2.88
N GLU A 101 3.87 -13.26 3.79
CA GLU A 101 3.33 -11.88 3.84
C GLU A 101 4.16 -10.93 2.96
N TYR A 102 5.45 -11.20 2.76
CA TYR A 102 6.29 -10.41 1.81
C TYR A 102 5.78 -10.66 0.39
N LYS A 103 5.52 -11.93 0.06
CA LYS A 103 5.06 -12.39 -1.28
C LYS A 103 3.67 -11.82 -1.58
N SER A 104 2.82 -11.64 -0.56
CA SER A 104 1.47 -11.05 -0.71
C SER A 104 1.58 -9.57 -1.11
N GLU A 105 2.68 -8.92 -0.72
CA GLU A 105 2.94 -7.48 -1.02
C GLU A 105 3.86 -7.38 -2.24
N ASN A 106 4.11 -8.48 -2.95
CA ASN A 106 4.87 -8.46 -4.23
C ASN A 106 4.13 -9.33 -5.27
N GLY A 107 2.82 -9.48 -5.10
CA GLY A 107 1.84 -10.08 -6.03
C GLY A 107 2.22 -11.35 -6.79
N ILE A 108 2.33 -12.48 -6.07
CA ILE A 108 2.76 -13.81 -6.60
C ILE A 108 2.22 -14.90 -5.68
N PRO A 109 1.97 -16.14 -6.17
CA PRO A 109 1.43 -17.20 -5.32
C PRO A 109 2.47 -17.62 -4.28
N ASN A 110 2.16 -17.49 -2.99
CA ASN A 110 3.10 -17.83 -1.89
C ASN A 110 3.14 -19.35 -1.75
N ASP A 111 3.83 -20.05 -2.66
CA ASP A 111 3.91 -21.52 -2.57
C ASP A 111 5.31 -21.91 -2.07
N TYR A 112 5.88 -23.01 -2.59
CA TYR A 112 7.05 -23.66 -1.97
C TYR A 112 8.27 -23.58 -2.90
N ASN A 113 8.45 -22.48 -3.66
CA ASN A 113 9.75 -22.30 -4.38
C ASN A 113 10.15 -20.82 -4.42
N ALA A 114 11.39 -20.58 -3.96
CA ALA A 114 12.09 -19.27 -3.92
C ALA A 114 12.48 -18.82 -5.34
N LYS A 115 13.05 -19.71 -6.15
CA LYS A 115 13.42 -19.40 -7.55
C LYS A 115 12.15 -19.09 -8.33
N GLU A 116 11.13 -19.93 -8.19
CA GLU A 116 9.84 -19.82 -8.94
C GLU A 116 9.19 -18.46 -8.64
N SER A 117 9.45 -17.90 -7.46
CA SER A 117 8.88 -16.62 -6.98
C SER A 117 9.74 -15.42 -7.40
N PHE A 118 11.07 -15.60 -7.50
CA PHE A 118 12.03 -14.53 -7.93
C PHE A 118 11.87 -14.28 -9.43
N TYR A 119 11.83 -15.35 -10.23
CA TYR A 119 11.91 -15.32 -11.72
C TYR A 119 10.60 -14.80 -12.32
N TYR A 120 9.46 -14.98 -11.63
CA TYR A 120 8.10 -14.61 -12.11
C TYR A 120 7.72 -13.19 -11.65
N LEU A 121 8.30 -12.70 -10.55
CA LEU A 121 8.21 -11.27 -10.13
C LEU A 121 9.04 -10.42 -11.09
N VAL A 122 10.32 -10.76 -11.26
CA VAL A 122 11.28 -10.08 -12.19
C VAL A 122 10.65 -10.05 -13.60
N ASP A 123 9.94 -11.12 -13.98
CA ASP A 123 9.26 -11.30 -15.30
C ASP A 123 8.13 -10.25 -15.49
N LYS A 124 7.51 -9.79 -14.40
CA LYS A 124 6.31 -8.90 -14.42
C LYS A 124 6.71 -7.43 -14.26
N LEU A 125 7.91 -7.15 -13.71
CA LEU A 125 8.46 -5.77 -13.67
C LEU A 125 9.23 -5.53 -15.00
N ILE A 126 9.91 -6.55 -15.54
CA ILE A 126 10.56 -6.49 -16.88
C ILE A 126 9.47 -6.40 -17.96
N SER A 127 8.27 -6.87 -17.65
CA SER A 127 7.07 -6.80 -18.54
C SER A 127 6.71 -5.34 -18.81
N ALA A 128 7.17 -4.40 -17.97
CA ALA A 128 6.84 -2.96 -18.10
C ALA A 128 8.10 -2.09 -18.07
N GLY A 129 8.99 -2.26 -19.06
CA GLY A 129 10.14 -1.37 -19.31
C GLY A 129 11.13 -1.29 -18.17
N ILE A 130 11.31 -2.36 -17.42
CA ILE A 130 12.35 -2.36 -16.35
C ILE A 130 13.73 -2.31 -17.02
N LEU A 131 13.91 -3.11 -18.06
CA LEU A 131 15.22 -3.33 -18.74
C LEU A 131 15.00 -4.13 -20.03
N SER A 132 16.04 -4.79 -20.54
CA SER A 132 16.00 -5.68 -21.72
C SER A 132 15.46 -7.06 -21.31
N GLN A 133 14.59 -7.64 -22.15
CA GLN A 133 13.99 -9.00 -21.98
C GLN A 133 15.10 -10.05 -22.05
N GLU A 134 16.19 -9.78 -22.79
CA GLU A 134 17.35 -10.70 -22.97
C GLU A 134 18.35 -10.52 -21.80
N ASP A 135 18.32 -9.37 -21.13
CA ASP A 135 19.11 -9.12 -19.88
C ASP A 135 18.29 -9.53 -18.66
N LYS A 136 17.06 -10.01 -18.87
CA LYS A 136 16.29 -10.82 -17.88
C LYS A 136 16.94 -12.20 -17.80
N ARG A 137 17.03 -12.92 -18.93
CA ARG A 137 17.73 -14.22 -19.02
C ARG A 137 19.24 -13.96 -19.16
N LEU A 138 19.91 -13.70 -18.03
CA LEU A 138 21.36 -13.34 -17.91
C LEU A 138 21.89 -13.83 -16.55
N ASP A 139 23.10 -14.42 -16.51
CA ASP A 139 23.76 -15.01 -15.31
C ASP A 139 23.35 -14.19 -14.07
N ALA A 140 22.86 -14.86 -13.02
CA ALA A 140 22.19 -14.26 -11.83
C ALA A 140 23.15 -13.36 -11.04
N THR A 141 24.43 -13.76 -10.90
CA THR A 141 25.52 -12.98 -10.23
C THR A 141 25.59 -11.57 -10.81
N ARG A 142 25.45 -11.44 -12.14
CA ARG A 142 25.47 -10.15 -12.87
C ARG A 142 24.08 -9.50 -12.74
N LEU A 143 23.01 -10.30 -12.94
CA LEU A 143 21.58 -9.87 -12.85
C LEU A 143 21.25 -9.41 -11.42
N GLN A 144 21.10 -10.35 -10.48
CA GLN A 144 20.60 -10.09 -9.09
C GLN A 144 21.20 -8.80 -8.53
N ALA A 145 22.54 -8.70 -8.57
CA ALA A 145 23.32 -7.56 -8.04
C ALA A 145 22.79 -6.24 -8.61
N LYS A 146 22.45 -6.22 -9.91
CA LYS A 146 22.15 -4.98 -10.68
C LYS A 146 20.72 -4.51 -10.43
N LEU A 147 19.78 -5.42 -10.14
CA LEU A 147 18.35 -5.08 -9.88
C LEU A 147 18.22 -4.55 -8.45
N ASN A 148 19.10 -5.02 -7.55
CA ASN A 148 19.26 -4.49 -6.17
C ASN A 148 19.99 -3.14 -6.23
N GLU A 149 21.00 -3.05 -7.12
CA GLU A 149 21.73 -1.80 -7.47
C GLU A 149 20.72 -0.73 -7.91
N ASN A 150 19.82 -1.09 -8.84
CA ASN A 150 18.73 -0.22 -9.37
C ASN A 150 18.03 0.50 -8.21
N GLY A 151 17.77 -0.21 -7.11
CA GLY A 151 17.22 0.36 -5.86
C GLY A 151 16.07 -0.44 -5.29
N TYR A 152 15.91 -1.70 -5.71
CA TYR A 152 14.87 -2.60 -5.14
C TYR A 152 15.59 -3.61 -4.24
N TYR A 153 14.99 -3.95 -3.11
CA TYR A 153 15.66 -4.86 -2.14
C TYR A 153 15.80 -6.30 -2.68
N PRO A 154 16.79 -7.06 -2.16
CA PRO A 154 17.04 -8.43 -2.55
C PRO A 154 16.68 -9.33 -1.37
N PRO A 155 15.43 -9.78 -1.22
CA PRO A 155 15.05 -10.61 -0.08
C PRO A 155 15.37 -12.10 -0.19
N ILE A 156 15.95 -12.54 -1.31
CA ILE A 156 16.31 -13.99 -1.47
C ILE A 156 17.84 -14.10 -1.63
N LEU A 157 18.37 -15.32 -1.60
CA LEU A 157 19.85 -15.57 -1.66
C LEU A 157 20.23 -16.15 -3.04
N VAL A 158 21.27 -15.59 -3.66
CA VAL A 158 21.64 -15.86 -5.09
C VAL A 158 22.02 -17.34 -5.28
N SER A 159 22.98 -17.84 -4.50
CA SER A 159 23.72 -19.11 -4.74
C SER A 159 22.83 -20.32 -4.43
N LYS A 160 22.16 -20.28 -3.28
CA LYS A 160 21.35 -21.41 -2.74
C LYS A 160 19.90 -21.31 -3.24
N TRP A 161 19.52 -20.16 -3.81
CA TRP A 161 18.14 -19.80 -4.23
C TRP A 161 17.16 -20.10 -3.08
N MET A 162 17.35 -19.45 -1.92
CA MET A 162 16.48 -19.56 -0.72
C MET A 162 16.18 -18.17 -0.16
N PHE A 163 14.96 -17.97 0.37
CA PHE A 163 14.55 -16.74 1.10
C PHE A 163 15.55 -16.48 2.23
N THR A 164 16.09 -15.25 2.32
CA THR A 164 16.97 -14.81 3.44
C THR A 164 16.47 -15.48 4.73
N ALA A 165 15.17 -15.33 5.02
CA ALA A 165 14.49 -15.84 6.23
C ALA A 165 14.59 -17.36 6.32
N GLU A 166 14.51 -18.06 5.19
CA GLU A 166 14.66 -19.54 5.12
C GLU A 166 16.05 -19.89 5.67
N ARG A 167 17.10 -19.31 5.09
CA ARG A 167 18.51 -19.48 5.56
C ARG A 167 18.55 -19.22 7.07
N ASP A 168 18.03 -18.07 7.51
CA ASP A 168 18.07 -17.64 8.92
C ASP A 168 17.40 -18.70 9.79
N LYS A 169 16.41 -19.42 9.24
CA LYS A 169 15.69 -20.51 9.96
C LYS A 169 16.59 -21.72 10.11
N ARG A 170 17.19 -22.18 9.01
CA ARG A 170 18.11 -23.36 8.96
C ARG A 170 19.27 -23.11 9.92
N ASP A 171 19.88 -21.92 9.81
CA ASP A 171 20.96 -21.42 10.70
C ASP A 171 20.47 -21.39 12.15
N TRP A 172 19.26 -20.88 12.40
CA TRP A 172 18.73 -20.70 13.78
C TRP A 172 18.40 -22.06 14.42
N LEU A 173 18.11 -23.10 13.64
CA LEU A 173 17.81 -24.46 14.16
C LEU A 173 19.12 -25.26 14.27
N ALA A 174 20.01 -25.14 13.28
CA ALA A 174 21.40 -25.64 13.34
C ALA A 174 22.16 -25.00 14.51
N SER A 175 21.53 -24.06 15.21
CA SER A 175 22.18 -23.42 16.39
C SER A 175 21.79 -24.17 17.66
N TYR A 176 20.83 -25.10 17.52
CA TYR A 176 20.44 -26.05 18.59
C TYR A 176 20.57 -27.50 18.08
N LYS A 182 14.53 -30.78 9.32
CA LYS A 182 14.26 -29.32 9.15
C LYS A 182 12.79 -29.13 8.73
N LEU A 183 11.88 -29.19 9.70
CA LEU A 183 10.42 -29.00 9.48
C LEU A 183 9.72 -28.87 10.83
N SER A 184 8.61 -28.11 10.81
CA SER A 184 7.59 -27.92 11.90
C SER A 184 8.06 -26.87 12.90
N ALA A 185 7.10 -26.19 13.53
CA ALA A 185 7.31 -25.15 14.56
C ALA A 185 6.95 -25.71 15.93
N LYS A 186 5.74 -26.25 16.06
CA LYS A 186 5.28 -26.92 17.32
C LYS A 186 6.29 -28.01 17.73
N GLU A 187 6.85 -28.72 16.74
CA GLU A 187 7.96 -29.69 16.91
C GLU A 187 9.21 -28.95 17.41
N ALA A 188 9.70 -27.98 16.63
CA ALA A 188 10.90 -27.17 16.92
C ALA A 188 10.77 -26.51 18.31
N PHE A 189 9.59 -25.99 18.65
CA PHE A 189 9.28 -25.40 19.98
C PHE A 189 9.37 -26.46 21.07
N GLU A 190 9.21 -27.75 20.71
CA GLU A 190 9.38 -28.92 21.61
C GLU A 190 10.87 -29.24 21.75
N LYS A 191 11.61 -29.32 20.63
CA LYS A 191 13.04 -29.72 20.58
C LYS A 191 13.92 -28.63 21.20
N VAL A 192 13.68 -27.37 20.82
CA VAL A 192 14.39 -26.20 21.41
C VAL A 192 14.01 -26.11 22.89
N ARG A 193 12.79 -26.52 23.25
CA ARG A 193 12.30 -26.45 24.66
C ARG A 193 13.29 -27.18 25.57
N ASN A 194 13.77 -28.37 25.15
CA ASN A 194 14.66 -29.21 25.98
C ASN A 194 15.98 -29.48 25.24
N SER A 195 16.50 -28.47 24.55
CA SER A 195 17.84 -28.51 23.92
C SER A 195 18.89 -28.16 24.98
N ASP A 196 20.18 -28.44 24.71
CA ASP A 196 21.31 -28.24 25.65
C ASP A 196 21.21 -26.83 26.25
N ALA A 197 21.06 -25.82 25.39
CA ALA A 197 21.14 -24.37 25.73
C ALA A 197 20.16 -24.00 26.85
N LEU A 198 18.90 -24.46 26.77
CA LEU A 198 17.79 -23.93 27.60
C LEU A 198 17.58 -24.84 28.83
N GLU A 199 17.02 -26.04 28.59
CA GLU A 199 16.67 -27.06 29.62
C GLU A 199 15.61 -26.48 30.56
N ILE A 200 14.33 -26.53 30.17
CA ILE A 200 13.22 -26.03 31.04
C ILE A 200 12.68 -27.23 31.84
N ASP A 201 11.74 -26.98 32.77
CA ASP A 201 11.26 -28.02 33.74
C ASP A 201 10.69 -29.23 32.97
N LYS A 202 10.22 -29.03 31.72
CA LYS A 202 9.51 -30.07 30.91
C LYS A 202 8.23 -30.46 31.67
N SER A 203 7.92 -29.72 32.74
CA SER A 203 6.70 -29.85 33.58
C SER A 203 6.02 -28.48 33.75
N LEU A 204 6.29 -27.55 32.83
CA LEU A 204 5.73 -26.17 32.85
C LEU A 204 4.84 -25.93 31.63
N SER A 205 3.96 -24.93 31.70
CA SER A 205 3.01 -24.62 30.61
C SER A 205 3.74 -24.04 29.41
N ASP A 206 3.49 -24.58 28.21
CA ASP A 206 4.16 -24.06 26.98
C ASP A 206 3.99 -22.53 26.90
N GLU A 207 2.96 -22.00 27.55
CA GLU A 207 2.70 -20.53 27.68
C GLU A 207 3.78 -19.92 28.59
N ASP A 208 4.17 -20.60 29.69
CA ASP A 208 5.21 -20.15 30.65
C ASP A 208 6.60 -20.47 30.07
N ALA A 209 6.73 -21.61 29.38
CA ALA A 209 7.97 -22.07 28.71
C ALA A 209 8.33 -21.12 27.55
N ARG A 210 7.33 -20.74 26.74
CA ARG A 210 7.48 -19.78 25.61
C ARG A 210 8.06 -18.45 26.12
N LYS A 211 7.51 -17.94 27.23
CA LYS A 211 7.89 -16.63 27.83
C LYS A 211 9.30 -16.72 28.45
N ILE A 212 9.72 -17.91 28.89
CA ILE A 212 11.13 -18.16 29.36
C ILE A 212 12.07 -18.01 28.15
N MET A 213 11.64 -18.49 26.98
CA MET A 213 12.48 -18.59 25.75
C MET A 213 12.68 -17.20 25.14
N VAL A 214 11.65 -16.33 25.21
CA VAL A 214 11.72 -14.91 24.78
C VAL A 214 13.04 -14.31 25.29
N VAL A 215 13.36 -14.61 26.56
CA VAL A 215 14.52 -14.03 27.31
C VAL A 215 15.80 -14.77 26.94
N ARG A 216 15.85 -16.09 27.19
CA ARG A 216 17.04 -16.95 26.95
C ARG A 216 17.51 -16.82 25.49
N ASP A 217 16.59 -16.86 24.52
CA ASP A 217 16.95 -16.92 23.08
C ASP A 217 17.40 -15.54 22.59
N LEU A 218 16.99 -14.48 23.30
CA LEU A 218 17.44 -13.09 22.97
C LEU A 218 18.91 -12.95 23.37
N ILE A 219 19.27 -13.53 24.52
CA ILE A 219 20.66 -13.52 25.06
C ILE A 219 21.55 -14.28 24.07
N LYS A 220 21.12 -15.48 23.68
CA LYS A 220 21.86 -16.36 22.75
C LYS A 220 22.12 -15.61 21.44
N SER A 221 21.12 -14.90 20.95
CA SER A 221 21.10 -14.26 19.61
C SER A 221 21.94 -12.97 19.60
N LYS A 222 21.64 -12.03 20.51
CA LYS A 222 22.18 -10.64 20.46
C LYS A 222 23.72 -10.66 20.46
N GLY A 223 24.33 -11.83 20.63
CA GLY A 223 25.77 -12.06 20.37
C GLY A 223 26.22 -13.43 20.84
N TYR A 224 27.00 -14.13 20.01
CA TYR A 224 27.89 -15.24 20.44
C TYR A 224 28.99 -14.63 21.29
N SER A 225 29.14 -13.32 21.10
CA SER A 225 29.95 -12.36 21.90
C SER A 225 29.23 -11.01 21.77
N GLN A 226 28.78 -10.44 22.89
CA GLN A 226 28.02 -9.17 22.88
C GLN A 226 28.79 -8.12 23.67
N TYR A 227 28.61 -6.87 23.24
CA TYR A 227 29.22 -5.63 23.81
C TYR A 227 29.05 -5.62 25.33
N ASN A 228 27.87 -6.02 25.80
CA ASN A 228 27.31 -5.60 27.11
C ASN A 228 26.03 -6.41 27.38
N PRO A 229 25.27 -6.06 28.45
CA PRO A 229 24.00 -6.72 28.72
C PRO A 229 22.96 -6.33 27.66
N VAL A 230 21.97 -7.19 27.45
CA VAL A 230 20.87 -6.99 26.46
C VAL A 230 19.67 -6.32 27.13
N THR A 231 18.92 -5.50 26.37
CA THR A 231 17.73 -4.73 26.85
C THR A 231 16.45 -5.48 26.48
N ILE A 232 15.58 -5.75 27.46
CA ILE A 232 14.42 -6.68 27.33
C ILE A 232 13.09 -5.91 27.26
N ALA A 233 13.01 -4.74 27.88
CA ALA A 233 11.89 -3.80 27.73
C ALA A 233 12.45 -2.38 27.85
N LYS A 234 11.78 -1.39 27.26
CA LYS A 234 12.40 -0.04 27.11
C LYS A 234 11.63 0.97 27.97
N ASP A 235 10.64 1.70 27.45
CA ASP A 235 9.97 2.73 28.29
C ASP A 235 9.24 2.03 29.44
N VAL A 236 9.47 2.44 30.68
CA VAL A 236 8.98 1.75 31.92
C VAL A 236 8.86 2.75 33.08
N GLY A 237 7.73 2.74 33.78
CA GLY A 237 7.37 3.76 34.80
C GLY A 237 8.00 3.49 36.15
N GLU A 238 7.82 4.45 37.09
CA GLU A 238 8.39 4.45 38.47
C GLU A 238 8.01 3.16 39.21
N THR A 239 6.72 2.82 39.21
CA THR A 239 6.16 1.66 39.95
C THR A 239 6.68 0.34 39.35
N THR A 240 7.47 0.38 38.27
CA THR A 240 8.09 -0.82 37.63
C THR A 240 9.60 -0.82 37.82
N ILE A 241 10.23 0.36 37.77
CA ILE A 241 11.65 0.59 38.22
C ILE A 241 11.76 0.08 39.66
N ALA A 242 10.97 0.66 40.58
CA ALA A 242 10.98 0.37 42.04
C ALA A 242 10.91 -1.14 42.28
N GLN A 243 9.89 -1.80 41.74
CA GLN A 243 9.65 -3.26 41.88
C GLN A 243 10.88 -4.07 41.40
N ILE A 244 11.76 -3.47 40.60
CA ILE A 244 13.02 -4.11 40.12
C ILE A 244 14.15 -3.83 41.12
N GLU A 245 14.33 -2.55 41.49
CA GLU A 245 15.40 -2.05 42.42
C GLU A 245 15.23 -2.72 43.79
N GLU A 246 14.06 -2.56 44.42
CA GLU A 246 13.69 -3.23 45.70
C GLU A 246 13.27 -4.68 45.43
N SER A 247 13.88 -5.33 44.44
CA SER A 247 13.84 -6.80 44.20
C SER A 247 15.25 -7.27 43.86
N ALA A 248 16.25 -6.64 44.48
CA ALA A 248 17.67 -6.98 44.31
C ALA A 248 17.97 -8.30 45.05
N MET A 249 18.85 -9.12 44.45
CA MET A 249 19.37 -10.45 44.89
C MET A 249 18.40 -11.58 44.50
N ASP A 250 17.19 -11.23 44.01
CA ASP A 250 16.19 -12.25 43.58
C ASP A 250 16.33 -12.47 42.08
N LEU A 251 16.40 -11.37 41.31
CA LEU A 251 16.49 -11.40 39.83
C LEU A 251 17.93 -11.12 39.38
N VAL A 252 18.93 -11.65 40.10
CA VAL A 252 20.36 -11.23 39.99
C VAL A 252 20.70 -10.93 38.52
N GLY A 253 21.21 -9.73 38.26
CA GLY A 253 21.69 -9.30 36.93
C GLY A 253 20.60 -8.68 36.07
N VAL A 254 19.43 -8.40 36.65
CA VAL A 254 18.38 -7.54 36.01
C VAL A 254 18.64 -6.10 36.47
N SER A 255 19.11 -5.25 35.56
CA SER A 255 19.47 -3.84 35.83
C SER A 255 18.34 -2.92 35.32
N ILE A 256 18.23 -1.72 35.90
CA ILE A 256 17.58 -0.51 35.31
C ILE A 256 18.71 0.34 34.70
N ALA A 257 18.77 0.42 33.38
CA ALA A 257 19.73 1.25 32.61
C ALA A 257 19.03 2.52 32.11
N VAL A 258 19.81 3.58 31.83
CA VAL A 258 19.38 4.78 31.05
C VAL A 258 19.89 4.59 29.63
N GLU A 259 19.07 4.88 28.61
CA GLU A 259 19.57 5.00 27.22
C GLU A 259 18.67 5.97 26.47
N PRO A 260 19.27 6.81 25.58
CA PRO A 260 18.51 7.80 24.83
C PRO A 260 17.70 7.11 23.73
N VAL A 261 16.76 7.84 23.14
CA VAL A 261 15.92 7.34 22.03
C VAL A 261 15.50 8.52 21.16
N ARG A 262 15.10 8.21 19.93
CA ARG A 262 14.15 9.05 19.18
C ARG A 262 12.80 8.88 19.86
N TYR A 263 11.98 9.92 19.92
CA TYR A 263 10.60 9.81 20.45
C TYR A 263 9.72 10.76 19.67
N TYR A 264 8.43 10.39 19.54
CA TYR A 264 7.39 11.09 18.76
C TYR A 264 6.22 11.32 19.71
N PRO A 265 6.24 12.46 20.44
CA PRO A 265 5.31 12.73 21.53
C PRO A 265 3.85 12.45 21.19
N ASN A 266 3.40 12.76 19.97
CA ASN A 266 2.00 12.55 19.52
C ASN A 266 1.84 11.16 18.92
N GLY A 267 2.73 10.20 19.22
CA GLY A 267 2.58 8.81 18.76
C GLY A 267 2.38 8.73 17.25
N SER A 268 1.28 8.10 16.81
CA SER A 268 1.02 7.72 15.39
C SER A 268 0.54 8.93 14.58
N LEU A 269 0.48 10.11 15.21
CA LEU A 269 0.07 11.34 14.51
C LEU A 269 1.07 11.59 13.38
N ALA A 270 0.58 11.59 12.14
CA ALA A 270 1.34 11.93 10.92
C ALA A 270 2.50 10.95 10.72
N SER A 271 2.28 9.71 11.15
CA SER A 271 3.30 8.63 11.17
C SER A 271 4.00 8.52 9.81
N HIS A 272 3.20 8.34 8.75
CA HIS A 272 3.67 8.13 7.35
C HIS A 272 4.58 9.26 6.85
N MET A 273 4.23 10.52 7.12
CA MET A 273 5.03 11.71 6.73
C MET A 273 6.29 11.78 7.60
N LEU A 274 6.15 11.62 8.92
CA LEU A 274 7.29 11.64 9.88
C LEU A 274 8.30 10.54 9.54
N GLY A 275 7.83 9.35 9.21
CA GLY A 275 8.68 8.16 9.00
C GLY A 275 9.08 7.54 10.32
N TYR A 276 10.28 6.99 10.40
CA TYR A 276 10.85 6.40 11.65
C TYR A 276 12.36 6.17 11.48
N VAL A 277 13.05 6.01 12.60
CA VAL A 277 14.50 5.63 12.64
C VAL A 277 14.57 4.15 12.98
N GLY A 278 15.68 3.50 12.65
CA GLY A 278 15.94 2.06 12.86
C GLY A 278 17.37 1.69 12.54
N LYS A 279 17.75 0.44 12.82
CA LYS A 279 19.01 -0.19 12.32
C LYS A 279 19.03 -0.04 10.81
N MET A 280 20.18 0.31 10.24
CA MET A 280 20.33 0.32 8.76
C MET A 280 19.95 -1.06 8.25
N PRO A 281 19.25 -1.16 7.10
CA PRO A 281 18.91 -2.46 6.55
C PRO A 281 20.20 -3.21 6.18
N SER A 282 20.25 -4.51 6.51
CA SER A 282 21.40 -5.43 6.29
C SER A 282 22.08 -5.15 4.95
N THR A 283 21.27 -4.98 3.90
CA THR A 283 21.70 -4.95 2.47
C THR A 283 22.60 -3.73 2.20
N GLN A 284 22.37 -2.62 2.90
CA GLN A 284 22.95 -1.30 2.57
C GLN A 284 24.18 -1.02 3.46
N ILE A 285 24.57 -1.98 4.29
CA ILE A 285 25.67 -1.82 5.29
C ILE A 285 26.87 -1.12 4.63
N GLU A 286 27.33 -1.60 3.47
CA GLU A 286 28.54 -1.08 2.78
C GLU A 286 28.38 0.41 2.52
N SER A 287 27.25 0.84 1.93
CA SER A 287 26.93 2.28 1.69
C SER A 287 27.24 3.05 2.99
N TYR A 288 26.55 2.67 4.06
CA TYR A 288 26.51 3.38 5.37
C TYR A 288 27.91 3.46 5.99
N LEU A 289 28.72 2.39 5.89
CA LEU A 289 30.13 2.39 6.38
C LEU A 289 30.97 3.37 5.58
N GLN A 290 30.77 3.39 4.25
CA GLN A 290 31.51 4.26 3.32
C GLN A 290 31.06 5.72 3.60
N LYS A 291 29.75 5.91 3.84
CA LYS A 291 29.11 7.22 4.15
C LYS A 291 29.51 7.71 5.55
N GLY A 292 30.06 6.84 6.39
CA GLY A 292 30.75 7.21 7.65
C GLY A 292 29.97 6.82 8.89
N TYR A 293 29.01 5.90 8.77
CA TYR A 293 28.17 5.40 9.90
C TYR A 293 28.89 4.24 10.57
N GLU A 294 28.34 3.82 11.71
CA GLU A 294 28.64 2.57 12.44
C GLU A 294 27.38 1.71 12.39
N THR A 295 27.51 0.40 12.51
CA THR A 295 26.39 -0.54 12.25
C THR A 295 25.30 -0.43 13.34
N GLY A 296 25.61 0.09 14.53
CA GLY A 296 24.61 0.26 15.61
C GLY A 296 23.94 1.64 15.60
N ASP A 297 24.21 2.46 14.58
CA ASP A 297 23.60 3.81 14.42
C ASP A 297 22.12 3.64 14.00
N MET A 298 21.25 4.42 14.63
CA MET A 298 19.82 4.56 14.23
C MET A 298 19.82 5.52 13.04
N VAL A 299 19.09 5.18 11.98
CA VAL A 299 19.06 5.98 10.73
C VAL A 299 17.61 6.08 10.28
N GLY A 300 17.27 7.14 9.55
CA GLY A 300 15.93 7.35 8.98
C GLY A 300 15.59 6.22 8.03
N LEU A 301 14.43 5.58 8.17
CA LEU A 301 14.05 4.45 7.30
C LEU A 301 12.80 4.78 6.48
N ALA A 302 12.13 5.89 6.75
CA ALA A 302 10.92 6.30 6.00
C ALA A 302 10.63 7.79 6.22
N GLY A 303 9.74 8.33 5.39
CA GLY A 303 9.27 9.73 5.48
C GLY A 303 10.43 10.70 5.60
N VAL A 304 10.21 11.78 6.33
CA VAL A 304 11.17 12.91 6.44
C VAL A 304 12.39 12.45 7.25
N GLU A 305 12.28 11.39 8.02
CA GLU A 305 13.46 10.88 8.78
C GLU A 305 14.50 10.35 7.78
N LYS A 306 14.05 9.71 6.72
CA LYS A 306 14.95 9.18 5.67
C LYS A 306 15.48 10.34 4.81
N SER A 307 14.61 11.18 4.28
CA SER A 307 15.00 12.16 3.24
C SER A 307 15.85 13.28 3.84
N ASN A 308 15.73 13.53 5.12
CA ASN A 308 16.52 14.58 5.82
C ASN A 308 17.50 13.91 6.80
N GLU A 309 17.81 12.63 6.59
CA GLU A 309 18.77 11.89 7.45
C GLU A 309 20.02 12.75 7.64
N SER A 310 20.65 13.15 6.53
CA SER A 310 21.96 13.86 6.55
C SER A 310 21.83 15.16 7.33
N ARG A 311 20.70 15.84 7.14
CA ARG A 311 20.43 17.15 7.77
C ARG A 311 20.16 16.97 9.26
N LEU A 312 19.40 15.96 9.63
CA LEU A 312 19.03 15.61 11.03
C LEU A 312 20.21 14.95 11.76
N ARG A 313 21.13 14.27 11.07
CA ARG A 313 22.23 13.53 11.72
C ARG A 313 23.24 14.53 12.31
N GLY A 314 23.30 15.75 11.76
CA GLY A 314 24.34 16.75 12.11
C GLY A 314 25.72 16.31 11.65
N THR A 315 26.72 16.77 12.40
CA THR A 315 28.16 16.48 12.18
C THR A 315 28.78 16.22 13.55
N ASP A 316 29.41 15.07 13.69
CA ASP A 316 30.01 14.52 14.94
C ASP A 316 31.23 15.33 15.41
N GLY A 317 31.54 15.25 16.70
CA GLY A 317 32.71 15.94 17.27
C GLY A 317 33.76 14.95 17.72
N TYR A 318 34.68 15.35 18.61
CA TYR A 318 35.76 14.46 19.14
C TYR A 318 36.41 15.11 20.36
N ILE A 333 43.49 15.58 25.24
CA ILE A 333 44.16 16.71 24.52
C ILE A 333 43.11 17.79 24.24
N GLU A 334 42.60 17.88 22.99
CA GLU A 334 41.58 18.87 22.54
C GLU A 334 40.31 18.13 22.10
N SER A 335 39.15 18.78 22.21
CA SER A 335 37.82 18.27 21.76
C SER A 335 37.11 19.35 20.94
N LYS A 336 36.47 18.97 19.82
CA LYS A 336 35.49 19.81 19.06
C LYS A 336 34.09 19.37 19.43
N LYS A 337 33.21 20.31 19.78
CA LYS A 337 31.79 20.01 20.10
C LYS A 337 31.11 19.48 18.83
N PRO A 338 30.17 18.52 18.95
CA PRO A 338 29.33 18.15 17.81
C PRO A 338 28.29 19.24 17.52
N LYS A 339 28.16 19.64 16.25
CA LYS A 339 27.00 20.43 15.75
C LYS A 339 25.78 19.49 15.73
N SER A 340 24.70 19.88 16.39
CA SER A 340 23.41 19.14 16.41
C SER A 340 22.74 19.25 15.04
N GLY A 341 21.89 18.29 14.68
CA GLY A 341 21.10 18.33 13.44
C GLY A 341 20.28 19.61 13.33
N ASP A 342 20.23 20.22 12.15
CA ASP A 342 19.24 21.28 11.82
C ASP A 342 17.88 20.77 12.30
N THR A 343 17.09 21.63 12.94
CA THR A 343 15.68 21.38 13.31
C THR A 343 14.84 21.51 12.04
N VAL A 344 14.18 20.44 11.60
CA VAL A 344 13.34 20.46 10.35
C VAL A 344 11.88 20.72 10.73
N TYR A 345 11.32 21.79 10.18
CA TYR A 345 9.88 22.17 10.31
C TYR A 345 9.12 21.60 9.11
N LEU A 346 8.11 20.79 9.38
CA LEU A 346 7.14 20.36 8.34
C LEU A 346 6.15 21.51 8.08
N THR A 347 5.35 21.37 7.02
CA THR A 347 4.30 22.33 6.62
C THR A 347 2.99 21.94 7.28
N LEU A 348 2.95 20.79 7.96
CA LEU A 348 1.76 20.31 8.70
C LEU A 348 1.44 21.29 9.82
N ASP A 349 0.14 21.43 10.13
CA ASP A 349 -0.41 22.03 11.37
C ASP A 349 -0.82 20.86 12.29
N LYS A 350 -0.07 20.64 13.37
CA LYS A 350 -0.37 19.52 14.32
C LYS A 350 -1.87 19.50 14.64
N ASP A 351 -2.47 20.66 14.86
CA ASP A 351 -3.89 20.79 15.28
C ASP A 351 -4.75 20.20 14.17
N LEU A 352 -4.55 20.64 12.93
CA LEU A 352 -5.35 20.18 11.76
C LEU A 352 -5.05 18.70 11.50
N GLN A 353 -3.80 18.28 11.74
CA GLN A 353 -3.37 16.86 11.59
C GLN A 353 -4.15 16.00 12.58
N GLU A 354 -4.33 16.50 13.80
CA GLU A 354 -5.06 15.80 14.89
C GLU A 354 -6.48 15.54 14.43
N VAL A 355 -7.17 16.58 13.96
CA VAL A 355 -8.59 16.50 13.52
C VAL A 355 -8.71 15.52 12.35
N SER A 356 -7.78 15.58 11.40
CA SER A 356 -7.68 14.66 10.25
C SER A 356 -7.52 13.20 10.74
N ASP A 357 -6.49 12.93 11.54
CA ASP A 357 -6.17 11.57 12.04
C ASP A 357 -7.36 10.96 12.77
N ASN A 358 -8.00 11.71 13.68
CA ASN A 358 -9.17 11.22 14.46
C ASN A 358 -10.35 11.03 13.51
N ALA A 359 -10.61 11.98 12.60
CA ALA A 359 -11.74 11.93 11.66
C ALA A 359 -11.73 10.61 10.85
N LEU A 360 -10.56 10.05 10.58
CA LEU A 360 -10.45 8.73 9.88
C LEU A 360 -10.61 7.57 10.87
N LYS A 361 -9.91 7.61 12.01
CA LYS A 361 -10.07 6.57 13.05
C LYS A 361 -11.57 6.42 13.35
N GLN A 362 -12.28 7.54 13.60
CA GLN A 362 -13.72 7.50 13.98
C GLN A 362 -14.53 6.86 12.84
N ILE A 363 -14.52 7.46 11.63
CA ILE A 363 -15.33 6.99 10.46
C ILE A 363 -15.13 5.48 10.27
N ILE A 364 -13.91 4.98 10.33
CA ILE A 364 -13.58 3.54 10.10
C ILE A 364 -14.17 2.69 11.23
N GLU A 365 -14.04 3.14 12.48
CA GLU A 365 -14.62 2.46 13.67
C GLU A 365 -16.15 2.52 13.59
N VAL A 366 -16.70 3.67 13.19
CA VAL A 366 -18.17 3.95 13.14
C VAL A 366 -18.78 3.30 11.89
N ALA A 367 -18.06 3.27 10.77
CA ALA A 367 -18.51 2.61 9.52
C ALA A 367 -18.97 1.19 9.85
N SER A 368 -18.05 0.31 10.27
CA SER A 368 -18.35 -1.10 10.63
C SER A 368 -19.15 -1.12 11.93
N LYS A 369 -20.49 -1.21 11.81
CA LYS A 369 -21.48 -1.34 12.93
C LYS A 369 -21.11 -0.43 14.10
N GLY A 370 -20.71 0.80 13.81
CA GLY A 370 -20.31 1.77 14.85
C GLY A 370 -21.50 2.48 15.44
N GLY A 371 -22.41 2.97 14.58
CA GLY A 371 -23.59 3.73 15.01
C GLY A 371 -23.45 5.21 14.69
N THR A 372 -22.69 5.98 15.49
CA THR A 372 -22.68 7.47 15.43
C THR A 372 -21.27 8.03 15.15
N PHE A 373 -21.21 9.10 14.34
CA PHE A 373 -20.02 9.98 14.11
C PHE A 373 -20.20 11.26 14.92
N LYS A 374 -19.49 11.38 16.05
CA LYS A 374 -19.57 12.57 16.94
C LYS A 374 -18.65 13.67 16.39
N SER A 375 -19.25 14.79 16.03
CA SER A 375 -18.64 15.97 15.37
C SER A 375 -18.94 17.22 16.21
N LYS A 376 -18.36 18.36 15.83
CA LYS A 376 -18.53 19.65 16.54
C LYS A 376 -19.13 20.67 15.56
N PHE A 377 -20.01 20.20 14.68
CA PHE A 377 -20.67 20.99 13.61
C PHE A 377 -22.12 20.55 13.47
N GLY A 378 -22.28 19.24 13.24
CA GLY A 378 -23.51 18.48 13.48
C GLY A 378 -23.16 17.19 14.19
N ASP A 379 -23.87 16.11 13.86
CA ASP A 379 -23.61 14.72 14.32
C ASP A 379 -24.43 13.84 13.38
N LYS A 380 -23.80 12.86 12.72
CA LYS A 380 -24.55 11.95 11.81
C LYS A 380 -24.71 10.61 12.49
N PRO A 381 -25.95 10.09 12.57
CA PRO A 381 -26.17 8.71 12.93
C PRO A 381 -25.81 7.94 11.66
N ILE A 382 -24.93 6.94 11.78
CA ILE A 382 -24.30 6.20 10.66
C ILE A 382 -24.99 4.84 10.53
N SER A 383 -25.69 4.63 9.41
CA SER A 383 -26.17 3.31 8.93
C SER A 383 -25.01 2.30 8.97
N ALA A 384 -25.13 1.28 9.81
CA ALA A 384 -24.03 0.32 10.09
C ALA A 384 -23.98 -0.79 9.04
N TYR A 385 -24.31 -0.51 7.77
CA TYR A 385 -24.24 -1.56 6.71
C TYR A 385 -22.85 -1.59 6.07
N ALA A 386 -21.90 -0.77 6.55
CA ALA A 386 -20.56 -0.67 5.95
C ALA A 386 -19.51 -1.44 6.77
N GLY A 387 -19.55 -2.77 6.71
CA GLY A 387 -18.42 -3.61 7.17
C GLY A 387 -17.34 -3.65 6.09
N LYS A 388 -16.14 -4.12 6.45
CA LYS A 388 -15.03 -4.47 5.51
C LYS A 388 -14.30 -3.21 5.01
N ALA A 389 -14.78 -2.01 5.34
CA ALA A 389 -14.04 -0.73 5.17
C ALA A 389 -12.97 -0.64 6.27
N GLN A 390 -11.70 -0.91 5.95
CA GLN A 390 -10.62 -1.03 6.95
C GLN A 390 -9.50 -0.02 6.68
N SER A 391 -9.77 1.06 5.93
CA SER A 391 -8.75 2.06 5.53
C SER A 391 -9.38 3.33 4.92
N ALA A 392 -8.60 4.42 4.95
CA ALA A 392 -8.95 5.78 4.50
C ALA A 392 -7.68 6.61 4.26
N ALA A 393 -7.83 7.69 3.50
CA ALA A 393 -6.76 8.65 3.17
C ALA A 393 -7.37 10.03 3.01
N LEU A 394 -6.77 11.01 3.67
CA LEU A 394 -7.12 12.44 3.53
C LEU A 394 -5.84 13.26 3.40
N ILE A 395 -5.92 14.31 2.59
CA ILE A 395 -4.84 15.32 2.50
C ILE A 395 -5.52 16.68 2.37
N ALA A 396 -5.02 17.65 3.12
CA ALA A 396 -5.36 19.08 2.99
C ALA A 396 -4.10 19.78 2.47
N ILE A 397 -4.26 20.61 1.44
CA ILE A 397 -3.14 21.41 0.86
C ILE A 397 -3.62 22.86 0.70
N ASP A 398 -2.68 23.80 0.88
CA ASP A 398 -2.77 25.22 0.48
C ASP A 398 -2.69 25.26 -1.05
N VAL A 399 -3.72 25.79 -1.69
CA VAL A 399 -3.94 25.68 -3.16
C VAL A 399 -3.10 26.72 -3.90
N LYS A 400 -2.49 27.67 -3.18
CA LYS A 400 -1.69 28.77 -3.77
C LYS A 400 -0.22 28.38 -3.86
N ASN A 401 0.31 27.68 -2.85
CA ASN A 401 1.75 27.28 -2.80
C ASN A 401 1.93 25.78 -2.55
N GLY A 402 0.89 24.95 -2.66
CA GLY A 402 0.99 23.47 -2.54
C GLY A 402 1.43 22.96 -1.17
N GLU A 403 1.49 23.80 -0.15
CA GLU A 403 1.94 23.36 1.21
C GLU A 403 0.92 22.33 1.72
N VAL A 404 1.40 21.17 2.17
CA VAL A 404 0.53 20.11 2.75
C VAL A 404 0.31 20.42 4.23
N LEU A 405 -0.93 20.75 4.61
CA LEU A 405 -1.32 21.22 5.97
C LEU A 405 -1.75 20.03 6.84
N ALA A 406 -2.31 18.98 6.25
CA ALA A 406 -2.68 17.73 6.94
C ALA A 406 -2.62 16.57 5.95
N SER A 407 -1.98 15.47 6.35
CA SER A 407 -1.87 14.25 5.52
C SER A 407 -2.00 13.03 6.43
N SER A 408 -3.09 12.28 6.30
CA SER A 408 -3.45 11.15 7.19
C SER A 408 -3.74 9.89 6.35
N SER A 409 -3.24 8.75 6.79
CA SER A 409 -3.58 7.45 6.18
C SER A 409 -3.93 6.49 7.32
N TYR A 410 -4.98 5.67 7.12
CA TYR A 410 -5.45 4.62 8.04
C TYR A 410 -5.50 3.32 7.24
N PRO A 411 -4.99 2.19 7.77
CA PRO A 411 -4.37 2.14 9.09
C PRO A 411 -3.02 2.87 9.10
N ASN A 412 -2.50 3.18 10.29
CA ASN A 412 -1.20 3.89 10.48
C ASN A 412 -0.36 3.10 11.50
N TYR A 413 0.66 3.73 12.10
CA TYR A 413 1.66 3.05 12.96
C TYR A 413 2.35 4.06 13.89
N ASP A 414 2.81 3.58 15.05
CA ASP A 414 3.53 4.39 16.04
C ASP A 414 5.00 4.36 15.66
N PRO A 415 5.61 5.52 15.30
CA PRO A 415 7.03 5.56 15.01
C PRO A 415 7.87 5.17 16.24
N ASN A 416 7.33 5.42 17.45
CA ASN A 416 7.97 5.11 18.75
C ASN A 416 8.32 3.62 18.88
N LYS A 417 7.51 2.73 18.31
CA LYS A 417 7.76 1.26 18.34
C LYS A 417 9.05 0.93 17.58
N PHE A 418 9.36 1.65 16.50
CA PHE A 418 10.58 1.43 15.66
C PHE A 418 11.81 2.04 16.34
N ALA A 419 11.62 3.15 17.06
CA ALA A 419 12.69 3.83 17.81
C ALA A 419 13.28 2.87 18.85
N LYS A 420 12.43 2.13 19.55
CA LYS A 420 12.81 1.16 20.61
C LYS A 420 13.30 -0.14 19.99
N GLY A 421 12.71 -0.57 18.87
CA GLY A 421 13.18 -1.74 18.11
C GLY A 421 12.06 -2.68 17.70
N ILE A 422 11.66 -2.64 16.42
CA ILE A 422 10.79 -3.62 15.70
C ILE A 422 11.06 -3.49 14.20
N SER A 423 10.37 -4.27 13.36
CA SER A 423 10.51 -4.25 11.87
C SER A 423 9.16 -4.37 11.16
N THR A 424 8.18 -5.03 11.79
CA THR A 424 6.80 -5.25 11.28
C THR A 424 5.77 -5.03 12.41
N GLU A 425 4.82 -4.11 12.20
CA GLU A 425 3.62 -3.96 13.06
C GLU A 425 2.66 -5.13 12.75
N ASP A 426 1.95 -5.06 11.62
CA ASP A 426 0.94 -6.06 11.17
C ASP A 426 -0.26 -6.04 12.14
N TYR A 427 -0.41 -7.11 12.95
CA TYR A 427 -1.49 -7.30 13.94
C TYR A 427 -2.86 -7.30 13.23
N LEU A 439 -7.58 -9.41 1.56
CA LEU A 439 -7.10 -8.07 1.09
C LEU A 439 -6.91 -7.16 2.30
N ALA A 440 -5.76 -7.29 2.98
CA ALA A 440 -5.38 -6.52 4.19
C ALA A 440 -4.46 -5.35 3.79
N GLY A 441 -4.70 -4.16 4.35
CA GLY A 441 -3.90 -2.95 4.10
C GLY A 441 -2.70 -2.89 5.03
N SER A 442 -1.48 -2.97 4.50
CA SER A 442 -0.20 -2.81 5.26
C SER A 442 -0.14 -1.44 5.92
N PRO A 443 -0.11 -1.33 7.27
CA PRO A 443 -0.09 -0.02 7.94
C PRO A 443 1.09 0.91 7.60
N LEU A 444 2.20 0.38 7.06
CA LEU A 444 3.41 1.19 6.77
C LEU A 444 3.19 1.97 5.47
N LEU A 445 2.16 1.62 4.72
CA LEU A 445 1.87 2.16 3.37
C LEU A 445 1.12 3.50 3.47
N ASN A 446 1.71 4.57 2.93
CA ASN A 446 1.10 5.93 2.85
C ASN A 446 0.13 5.97 1.67
N LEU A 447 -1.13 5.63 1.92
CA LEU A 447 -2.23 5.63 0.92
C LEU A 447 -2.40 7.01 0.27
N VAL A 448 -1.91 8.09 0.88
CA VAL A 448 -2.06 9.47 0.31
C VAL A 448 -1.11 9.64 -0.88
N THR A 449 0.13 9.17 -0.74
CA THR A 449 1.21 9.29 -1.76
C THR A 449 1.31 8.01 -2.60
N GLN A 450 0.90 6.85 -2.06
CA GLN A 450 1.21 5.53 -2.65
C GLN A 450 -0.06 4.75 -3.02
N GLY A 451 -1.25 5.23 -2.66
CA GLY A 451 -2.52 4.53 -2.97
C GLY A 451 -3.09 4.93 -4.32
N GLU A 452 -2.74 4.22 -5.38
CA GLU A 452 -3.35 4.37 -6.74
C GLU A 452 -4.79 3.83 -6.66
N PHE A 453 -5.78 4.65 -7.00
CA PHE A 453 -7.23 4.39 -6.80
C PHE A 453 -8.04 4.96 -7.95
N GLN A 454 -9.05 4.25 -8.43
CA GLN A 454 -10.08 4.84 -9.32
C GLN A 454 -10.51 6.15 -8.68
N PRO A 455 -10.35 7.31 -9.35
CA PRO A 455 -10.68 8.61 -8.77
C PRO A 455 -12.19 8.85 -8.54
N GLY A 456 -13.04 8.11 -9.27
CA GLY A 456 -14.51 8.11 -9.15
C GLY A 456 -15.12 9.43 -9.60
N SER A 457 -16.14 9.88 -8.87
CA SER A 457 -16.91 11.13 -9.12
C SER A 457 -15.95 12.33 -9.28
N SER A 458 -14.85 12.37 -8.53
CA SER A 458 -13.91 13.53 -8.50
C SER A 458 -13.26 13.78 -9.87
N PHE A 459 -13.32 12.82 -10.80
CA PHE A 459 -12.77 12.96 -12.18
C PHE A 459 -13.75 13.73 -13.07
N LYS A 460 -14.99 13.92 -12.62
CA LYS A 460 -16.08 14.47 -13.47
C LYS A 460 -15.76 15.91 -13.87
N MET A 461 -15.12 16.67 -12.99
CA MET A 461 -14.80 18.09 -13.29
C MET A 461 -13.80 18.14 -14.44
N LEU A 462 -12.90 17.16 -14.47
CA LEU A 462 -11.87 17.02 -15.52
C LEU A 462 -12.53 16.71 -16.87
N THR A 463 -13.44 15.76 -16.89
CA THR A 463 -14.19 15.42 -18.13
C THR A 463 -14.93 16.66 -18.60
N SER A 464 -15.54 17.37 -17.66
CA SER A 464 -16.38 18.57 -17.92
C SER A 464 -15.49 19.70 -18.44
N MET A 465 -14.35 19.92 -17.79
CA MET A 465 -13.35 20.93 -18.22
C MET A 465 -13.05 20.72 -19.71
N ALA A 466 -12.74 19.48 -20.11
CA ALA A 466 -12.35 19.08 -21.50
C ALA A 466 -13.51 19.33 -22.48
N ALA A 467 -14.75 19.02 -22.09
CA ALA A 467 -15.97 19.30 -22.87
C ALA A 467 -16.10 20.82 -23.14
N LEU A 468 -16.08 21.65 -22.09
CA LEU A 468 -16.11 23.13 -22.21
C LEU A 468 -14.97 23.59 -23.13
N GLU A 469 -13.77 23.06 -22.95
CA GLU A 469 -12.57 23.48 -23.74
C GLU A 469 -12.72 23.11 -25.23
N ASN A 470 -13.67 22.23 -25.56
CA ASN A 470 -13.97 21.79 -26.94
C ASN A 470 -15.39 22.19 -27.35
N GLY A 471 -16.02 23.11 -26.63
CA GLY A 471 -17.17 23.89 -27.13
C GLY A 471 -18.47 23.60 -26.40
N LEU A 472 -18.45 22.72 -25.40
CA LEU A 472 -19.69 22.40 -24.65
C LEU A 472 -20.31 23.71 -24.17
N ASP A 473 -21.60 23.87 -24.42
CA ASP A 473 -22.44 24.88 -23.72
C ASP A 473 -22.91 24.23 -22.42
N PRO A 474 -22.53 24.76 -21.24
CA PRO A 474 -23.01 24.21 -19.96
C PRO A 474 -24.52 23.95 -19.95
N ASN A 475 -25.28 24.82 -20.62
CA ASN A 475 -26.76 24.81 -20.64
C ASN A 475 -27.27 23.56 -21.36
N PHE A 476 -26.45 22.97 -22.22
CA PHE A 476 -26.77 21.71 -22.94
C PHE A 476 -27.48 20.76 -21.97
N THR A 477 -28.77 20.52 -22.21
CA THR A 477 -29.67 19.78 -21.29
C THR A 477 -30.09 18.46 -21.97
N ILE A 478 -30.07 17.38 -21.19
CA ILE A 478 -30.48 16.00 -21.62
C ILE A 478 -31.74 15.62 -20.85
N ASN A 479 -32.70 14.95 -21.48
CA ASN A 479 -33.80 14.27 -20.73
C ASN A 479 -33.23 12.95 -20.20
N ASP A 480 -32.80 12.93 -18.92
CA ASP A 480 -31.89 11.87 -18.38
C ASP A 480 -32.71 10.60 -18.11
N PRO A 481 -32.44 9.48 -18.80
CA PRO A 481 -33.03 8.19 -18.44
C PRO A 481 -32.35 7.47 -17.27
N GLY A 482 -31.17 7.96 -16.88
CA GLY A 482 -30.36 7.43 -15.76
C GLY A 482 -29.59 6.18 -16.16
N VAL A 483 -29.80 5.67 -17.38
CA VAL A 483 -29.17 4.41 -17.88
C VAL A 483 -28.88 4.54 -19.37
N ILE A 484 -27.78 3.91 -19.81
CA ILE A 484 -27.43 3.66 -21.25
C ILE A 484 -27.10 2.18 -21.40
N MET A 485 -27.59 1.57 -22.48
CA MET A 485 -27.31 0.17 -22.89
C MET A 485 -26.54 0.24 -24.21
N LEU A 486 -25.42 -0.48 -24.30
CA LEU A 486 -24.70 -0.69 -25.59
C LEU A 486 -24.39 -2.18 -25.75
N GLY A 487 -24.06 -2.89 -24.65
CA GLY A 487 -24.19 -4.36 -24.56
C GLY A 487 -25.60 -4.74 -24.13
N LYS A 488 -25.80 -5.96 -23.66
CA LYS A 488 -26.90 -6.27 -22.69
C LYS A 488 -26.55 -5.53 -21.39
N LYS A 489 -25.25 -5.40 -21.15
CA LYS A 489 -24.61 -4.67 -20.02
C LYS A 489 -25.11 -3.21 -19.95
N SER A 490 -25.31 -2.73 -18.73
CA SER A 490 -25.88 -1.40 -18.39
C SER A 490 -24.78 -0.45 -17.86
N PHE A 491 -24.82 0.81 -18.29
CA PHE A 491 -24.07 1.95 -17.71
C PHE A 491 -25.08 2.99 -17.18
N GLY A 492 -25.32 3.02 -15.86
CA GLY A 492 -26.34 3.93 -15.30
C GLY A 492 -25.86 4.69 -14.07
N ASP A 493 -26.64 5.69 -13.68
CA ASP A 493 -26.42 6.53 -12.47
C ASP A 493 -26.45 5.64 -11.24
N TYR A 494 -25.90 6.11 -10.13
CA TYR A 494 -26.03 5.43 -8.82
C TYR A 494 -27.52 5.35 -8.46
N VAL A 495 -28.24 6.46 -8.68
CA VAL A 495 -29.70 6.55 -8.40
C VAL A 495 -30.47 5.62 -9.36
N TRP A 496 -29.86 5.18 -10.47
CA TRP A 496 -30.48 4.20 -11.41
C TRP A 496 -30.18 2.76 -10.99
N ASN A 497 -28.97 2.48 -10.49
CA ASN A 497 -28.59 1.15 -9.95
C ASN A 497 -29.32 0.87 -8.63
N HIS A 498 -29.80 1.93 -7.97
CA HIS A 498 -30.52 1.87 -6.67
C HIS A 498 -31.80 2.72 -6.75
N GLY A 499 -32.82 2.18 -7.44
CA GLY A 499 -34.17 2.77 -7.49
C GLY A 499 -34.62 3.12 -8.90
N ARG A 500 -33.81 2.81 -9.92
CA ARG A 500 -34.08 3.08 -11.36
C ARG A 500 -34.50 4.55 -11.48
N GLY A 501 -33.81 5.41 -10.75
CA GLY A 501 -34.08 6.86 -10.73
C GLY A 501 -33.47 7.58 -11.90
N ASN A 502 -33.83 8.85 -12.06
CA ASN A 502 -33.34 9.73 -13.15
C ASN A 502 -32.95 11.07 -12.53
N HIS A 503 -32.32 11.91 -13.32
CA HIS A 503 -31.96 13.30 -12.94
C HIS A 503 -32.87 14.24 -13.72
N GLY A 504 -33.95 13.70 -14.29
CA GLY A 504 -34.90 14.49 -15.10
C GLY A 504 -34.14 15.31 -16.12
N MET A 505 -34.45 16.61 -16.20
CA MET A 505 -33.78 17.53 -17.16
C MET A 505 -32.48 18.00 -16.51
N THR A 506 -31.34 17.81 -17.19
CA THR A 506 -29.99 18.03 -16.60
C THR A 506 -29.09 18.82 -17.53
N ASN A 507 -28.59 19.98 -17.10
CA ASN A 507 -27.48 20.69 -17.79
C ASN A 507 -26.17 20.27 -17.10
N LEU A 508 -25.05 20.90 -17.42
CA LEU A 508 -23.74 20.53 -16.85
C LEU A 508 -23.76 20.70 -15.33
N TYR A 509 -24.36 21.79 -14.86
CA TYR A 509 -24.39 22.16 -13.41
C TYR A 509 -25.06 21.02 -12.60
N LYS A 510 -26.25 20.59 -13.01
CA LYS A 510 -26.98 19.46 -12.36
C LYS A 510 -26.18 18.15 -12.47
N ALA A 511 -25.59 17.87 -13.63
CA ALA A 511 -24.68 16.72 -13.88
C ALA A 511 -23.63 16.64 -12.78
N ILE A 512 -22.93 17.75 -12.53
CA ILE A 512 -21.91 17.87 -11.45
C ILE A 512 -22.61 17.73 -10.10
N GLN A 513 -23.66 18.54 -9.89
CA GLN A 513 -24.43 18.65 -8.63
C GLN A 513 -24.84 17.26 -8.11
N GLU A 514 -25.34 16.42 -9.02
CA GLU A 514 -25.99 15.12 -8.71
C GLU A 514 -25.09 13.96 -9.14
N SER A 515 -23.96 14.23 -9.81
CA SER A 515 -23.09 13.17 -10.38
C SER A 515 -23.91 12.32 -11.37
N CYS A 516 -24.24 12.90 -12.51
CA CYS A 516 -24.92 12.21 -13.64
C CYS A 516 -23.85 11.51 -14.50
N ASN A 517 -23.74 10.19 -14.37
CA ASN A 517 -22.84 9.32 -15.18
C ASN A 517 -23.26 9.45 -16.65
N ILE A 518 -24.57 9.50 -16.88
CA ILE A 518 -25.16 9.50 -18.26
C ILE A 518 -24.71 10.76 -18.98
N TYR A 519 -24.87 11.92 -18.34
CA TYR A 519 -24.44 13.24 -18.87
C TYR A 519 -22.94 13.21 -19.15
N MET A 520 -22.16 12.64 -18.24
CA MET A 520 -20.69 12.59 -18.36
C MET A 520 -20.31 11.75 -19.58
N ALA A 521 -20.96 10.60 -19.79
CA ALA A 521 -20.78 9.72 -20.97
C ALA A 521 -21.06 10.49 -22.27
N THR A 522 -22.17 11.24 -22.28
CA THR A 522 -22.69 12.05 -23.42
C THR A 522 -21.66 13.09 -23.84
N ILE A 523 -21.16 13.90 -22.91
CA ILE A 523 -20.17 14.97 -23.23
C ILE A 523 -18.78 14.33 -23.44
N GLY A 524 -18.53 13.15 -22.91
CA GLY A 524 -17.19 12.51 -22.96
C GLY A 524 -16.90 11.99 -24.35
N THR A 525 -17.96 11.67 -25.08
CA THR A 525 -17.94 11.08 -26.44
C THR A 525 -18.35 12.15 -27.46
N GLY A 526 -19.08 13.17 -26.99
CA GLY A 526 -19.71 14.21 -27.82
C GLY A 526 -20.90 13.67 -28.58
N LYS A 527 -21.64 12.73 -27.96
CA LYS A 527 -22.72 11.92 -28.59
C LYS A 527 -23.81 11.56 -27.56
N THR A 528 -25.07 11.66 -27.97
CA THR A 528 -26.23 11.19 -27.18
C THR A 528 -26.28 9.69 -27.42
N TRP A 529 -26.64 8.87 -26.42
CA TRP A 529 -26.39 7.44 -26.70
C TRP A 529 -27.53 6.54 -27.15
N PRO A 530 -28.79 6.97 -27.29
CA PRO A 530 -29.74 6.06 -27.88
C PRO A 530 -29.27 5.86 -29.34
N ASP A 531 -28.92 6.95 -30.04
CA ASP A 531 -28.63 6.88 -31.50
C ASP A 531 -27.16 7.04 -31.84
N GLY A 532 -26.38 7.69 -31.00
CA GLY A 532 -24.95 7.95 -31.27
C GLY A 532 -24.77 9.15 -32.17
N LYS A 533 -25.77 10.04 -32.22
CA LYS A 533 -25.66 11.30 -32.99
C LYS A 533 -24.71 12.25 -32.25
N SER A 534 -23.78 12.85 -32.99
CA SER A 534 -22.84 13.90 -32.51
C SER A 534 -23.62 15.05 -31.87
N ILE A 535 -23.09 15.63 -30.80
CA ILE A 535 -23.62 16.91 -30.24
C ILE A 535 -22.77 18.01 -30.88
N GLY A 536 -22.81 19.24 -30.39
CA GLY A 536 -22.03 20.37 -30.94
C GLY A 536 -20.53 20.09 -31.08
N ILE A 537 -19.97 19.23 -30.23
CA ILE A 537 -18.55 19.27 -29.77
C ILE A 537 -17.83 17.97 -30.15
N ASP A 538 -16.49 18.02 -30.25
CA ASP A 538 -15.61 16.83 -30.53
C ASP A 538 -14.91 16.42 -29.23
N MET A 539 -15.27 15.25 -28.71
CA MET A 539 -14.74 14.69 -27.44
C MET A 539 -14.55 13.19 -27.59
N ASN A 540 -13.71 12.61 -26.73
CA ASN A 540 -13.33 11.19 -26.77
C ASN A 540 -12.31 10.94 -25.66
N ALA A 541 -12.05 9.68 -25.34
CA ALA A 541 -11.11 9.26 -24.27
C ALA A 541 -9.80 10.04 -24.42
N ASN A 542 -9.29 10.15 -25.66
CA ASN A 542 -7.99 10.78 -25.99
C ASN A 542 -7.97 12.23 -25.45
N LYS A 543 -9.09 12.96 -25.61
CA LYS A 543 -9.20 14.36 -25.13
C LYS A 543 -9.35 14.35 -23.60
N ILE A 544 -10.03 13.33 -23.06
CA ILE A 544 -10.24 13.15 -21.59
C ILE A 544 -8.87 12.97 -20.94
N LEU A 545 -8.05 12.05 -21.47
CA LEU A 545 -6.71 11.73 -20.89
C LEU A 545 -5.73 12.89 -21.16
N GLU A 546 -6.01 13.73 -22.17
CA GLU A 546 -5.28 14.98 -22.50
C GLU A 546 -5.40 15.94 -21.32
N TYR A 547 -6.59 16.02 -20.71
CA TYR A 547 -6.87 16.93 -19.57
C TYR A 547 -6.45 16.26 -18.27
N ALA A 548 -6.48 14.92 -18.21
CA ALA A 548 -5.89 14.15 -17.09
C ALA A 548 -4.42 14.58 -16.96
N LYS A 549 -3.73 14.64 -18.10
CA LYS A 549 -2.30 15.01 -18.24
C LYS A 549 -2.08 16.48 -17.84
N LEU A 550 -2.99 17.39 -18.22
CA LEU A 550 -2.83 18.86 -17.97
C LEU A 550 -2.91 19.18 -16.49
N PHE A 551 -3.70 18.42 -15.73
CA PHE A 551 -3.98 18.59 -14.27
C PHE A 551 -2.98 17.76 -13.45
N GLY A 552 -1.91 17.32 -14.12
CA GLY A 552 -0.70 16.75 -13.50
C GLY A 552 -0.90 15.32 -13.04
N LEU A 553 -1.99 14.66 -13.47
CA LEU A 553 -2.31 13.29 -13.02
C LEU A 553 -1.24 12.32 -13.49
N ASP A 554 -0.56 12.59 -14.62
CA ASP A 554 0.45 11.68 -15.20
C ASP A 554 1.83 11.86 -14.53
N GLN A 555 1.97 12.74 -13.53
CA GLN A 555 3.30 13.07 -12.96
C GLN A 555 3.28 13.05 -11.42
N ASN A 556 4.47 12.89 -10.82
CA ASN A 556 4.74 12.96 -9.37
C ASN A 556 4.28 14.34 -8.86
N THR A 557 4.03 14.45 -7.54
CA THR A 557 3.33 15.61 -6.90
C THR A 557 4.30 16.69 -6.41
N GLY A 558 5.53 16.32 -6.08
CA GLY A 558 6.50 17.17 -5.35
C GLY A 558 6.98 16.50 -4.06
N LEU A 559 6.27 15.48 -3.58
CA LEU A 559 6.58 14.83 -2.28
C LEU A 559 7.55 13.66 -2.46
N GLN A 560 7.88 13.30 -3.71
CA GLN A 560 8.60 12.04 -4.05
C GLN A 560 9.96 12.02 -3.37
N ASP A 561 10.60 13.18 -3.22
CA ASP A 561 11.96 13.30 -2.65
C ASP A 561 11.88 13.64 -1.15
N GLU A 562 10.69 13.89 -0.63
CA GLU A 562 10.47 14.30 0.78
C GLU A 562 9.99 13.08 1.59
N VAL A 563 9.12 12.30 0.96
CA VAL A 563 8.51 11.05 1.54
C VAL A 563 8.28 10.03 0.41
N GLU A 564 8.06 8.76 0.76
CA GLU A 564 7.81 7.68 -0.22
C GLU A 564 6.53 8.00 -1.00
N GLU A 565 6.60 7.94 -2.34
CA GLU A 565 5.45 8.15 -3.24
C GLU A 565 5.49 7.12 -4.38
N ARG A 566 4.34 6.53 -4.71
CA ARG A 566 4.09 5.73 -5.93
C ARG A 566 2.93 6.40 -6.68
N ALA A 567 3.24 7.50 -7.37
CA ALA A 567 2.28 8.31 -8.16
C ALA A 567 1.59 7.42 -9.19
N GLY A 568 0.38 7.81 -9.60
CA GLY A 568 -0.35 7.16 -10.70
C GLY A 568 0.12 7.61 -12.06
N LYS A 569 -0.33 6.93 -13.11
CA LYS A 569 0.00 7.24 -14.53
C LYS A 569 -1.31 7.30 -15.33
N VAL A 570 -1.53 8.38 -16.07
CA VAL A 570 -2.66 8.50 -17.03
C VAL A 570 -2.62 7.27 -17.94
N PRO A 571 -3.71 6.47 -18.03
CA PRO A 571 -3.72 5.28 -18.86
C PRO A 571 -3.34 5.64 -20.31
N SER A 572 -2.39 4.90 -20.88
CA SER A 572 -1.75 5.23 -22.17
C SER A 572 -2.58 4.65 -23.33
N THR A 573 -2.93 5.51 -24.29
CA THR A 573 -3.61 5.15 -25.57
C THR A 573 -2.70 4.21 -26.36
N GLU A 574 -1.43 4.58 -26.45
CA GLU A 574 -0.40 4.00 -27.37
C GLU A 574 0.13 2.69 -26.79
N ASP A 575 0.23 2.59 -25.46
CA ASP A 575 0.59 1.32 -24.75
C ASP A 575 -0.45 0.25 -25.07
N LYS A 576 -1.73 0.64 -25.16
CA LYS A 576 -2.88 -0.28 -25.38
C LYS A 576 -2.91 -0.74 -26.85
N LEU A 577 -2.37 0.05 -27.79
CA LEU A 577 -2.28 -0.30 -29.24
C LEU A 577 -1.09 -1.27 -29.47
N LYS A 578 0.08 -0.97 -28.87
CA LYS A 578 1.32 -1.78 -29.03
C LYS A 578 1.26 -3.01 -28.12
N SER A 579 0.38 -2.99 -27.09
CA SER A 579 0.02 -4.14 -26.23
C SER A 579 -0.58 -5.27 -27.09
N THR A 580 -1.54 -4.91 -27.93
CA THR A 580 -2.38 -5.84 -28.73
C THR A 580 -1.67 -6.20 -30.05
N GLN A 581 -0.99 -5.24 -30.70
CA GLN A 581 -0.18 -5.50 -31.94
C GLN A 581 0.90 -6.54 -31.65
N ALA A 582 1.63 -6.38 -30.55
CA ALA A 582 2.68 -7.32 -30.05
C ALA A 582 2.06 -8.69 -29.77
N LEU A 583 0.86 -8.71 -29.14
CA LEU A 583 0.07 -9.95 -28.89
C LEU A 583 -0.54 -10.47 -30.21
N LEU A 584 -0.58 -9.66 -31.28
CA LEU A 584 -1.19 -10.03 -32.59
C LEU A 584 -0.10 -10.63 -33.49
N LYS A 585 1.07 -9.99 -33.56
CA LYS A 585 2.24 -10.50 -34.33
C LYS A 585 2.44 -11.99 -34.01
N SER A 586 2.55 -12.32 -32.71
CA SER A 586 2.94 -13.66 -32.18
C SER A 586 1.82 -14.69 -32.39
N ASN A 587 0.57 -14.25 -32.44
CA ASN A 587 -0.61 -15.14 -32.67
C ASN A 587 -0.67 -15.60 -34.13
N LEU A 588 -0.37 -14.69 -35.07
CA LEU A 588 -0.36 -14.94 -36.54
C LEU A 588 0.62 -16.07 -36.86
N GLU A 589 1.56 -16.34 -35.94
CA GLU A 589 2.62 -17.39 -36.04
C GLU A 589 2.15 -18.65 -35.26
N ASN A 657 -10.09 -4.09 -32.49
CA ASN A 657 -11.07 -3.43 -31.57
C ASN A 657 -10.38 -3.03 -30.25
N PHE A 658 -9.75 -3.97 -29.56
CA PHE A 658 -9.15 -3.80 -28.20
C PHE A 658 -7.89 -2.92 -28.23
N ALA A 659 -7.56 -2.38 -29.40
CA ALA A 659 -6.34 -1.60 -29.71
C ALA A 659 -6.59 -0.11 -29.46
N LYS A 660 -7.83 0.32 -29.74
CA LYS A 660 -8.33 1.68 -29.44
C LYS A 660 -9.33 1.59 -28.28
N TRP A 661 -9.42 2.66 -27.50
CA TRP A 661 -10.48 2.87 -26.46
C TRP A 661 -11.87 2.69 -27.10
N SER A 662 -12.69 1.79 -26.56
CA SER A 662 -14.09 1.59 -26.98
C SER A 662 -14.95 2.73 -26.44
N THR A 663 -16.24 2.72 -26.77
CA THR A 663 -17.27 3.66 -26.25
C THR A 663 -17.49 3.40 -24.75
N ALA A 664 -17.37 2.14 -24.31
CA ALA A 664 -17.54 1.70 -22.90
C ALA A 664 -16.30 2.14 -22.09
N ASP A 665 -15.12 1.92 -22.65
CA ASP A 665 -13.85 2.44 -22.10
C ASP A 665 -14.01 3.96 -21.89
N THR A 666 -14.46 4.69 -22.91
CA THR A 666 -14.61 6.17 -22.87
C THR A 666 -15.63 6.55 -21.77
N PHE A 667 -16.68 5.73 -21.57
CA PHE A 667 -17.75 5.96 -20.56
C PHE A 667 -17.12 5.86 -19.17
N ASN A 668 -16.53 4.71 -18.90
CA ASN A 668 -15.90 4.38 -17.59
C ASN A 668 -14.86 5.45 -17.25
N LEU A 669 -14.07 5.89 -18.22
CA LEU A 669 -13.06 6.98 -18.05
C LEU A 669 -13.76 8.28 -17.62
N ALA A 670 -14.76 8.72 -18.40
CA ALA A 670 -15.52 9.98 -18.19
C ALA A 670 -16.07 10.07 -16.77
N ILE A 671 -16.19 8.95 -16.06
CA ILE A 671 -16.73 8.89 -14.67
C ILE A 671 -15.63 8.44 -13.69
N GLY A 672 -14.38 8.74 -14.02
CA GLY A 672 -13.21 8.46 -13.18
C GLY A 672 -13.07 7.02 -12.75
N GLN A 673 -13.52 6.06 -13.57
CA GLN A 673 -13.29 4.59 -13.35
C GLN A 673 -12.50 4.05 -14.55
N GLY A 674 -12.68 2.77 -14.89
CA GLY A 674 -11.82 2.10 -15.88
C GLY A 674 -10.39 2.05 -15.42
N GLU A 675 -9.45 2.42 -16.30
CA GLU A 675 -7.98 2.28 -16.12
C GLU A 675 -7.41 3.50 -15.37
N ASN A 676 -8.26 4.44 -14.99
CA ASN A 676 -7.87 5.58 -14.11
C ASN A 676 -7.41 5.02 -12.76
N ALA A 677 -6.23 5.48 -12.30
CA ALA A 677 -5.70 5.19 -10.96
C ALA A 677 -4.70 6.30 -10.57
N TYR A 678 -5.05 7.09 -9.56
CA TYR A 678 -4.25 8.25 -9.10
C TYR A 678 -4.24 8.25 -7.56
N THR A 679 -3.20 8.85 -6.97
CA THR A 679 -3.07 9.02 -5.51
C THR A 679 -3.89 10.25 -5.10
N PRO A 680 -4.45 10.25 -3.87
CA PRO A 680 -5.06 11.45 -3.28
C PRO A 680 -4.21 12.72 -3.42
N ALA A 681 -2.91 12.61 -3.20
CA ALA A 681 -1.94 13.72 -3.37
C ALA A 681 -2.03 14.24 -4.82
N GLN A 682 -2.05 13.35 -5.80
CA GLN A 682 -2.17 13.75 -7.22
C GLN A 682 -3.49 14.50 -7.42
N ILE A 683 -4.61 13.96 -6.93
CA ILE A 683 -5.96 14.54 -7.13
C ILE A 683 -5.98 15.94 -6.50
N SER A 684 -5.37 16.12 -5.33
CA SER A 684 -5.40 17.40 -4.58
C SER A 684 -4.86 18.53 -5.47
N ARG A 685 -3.81 18.27 -6.25
CA ARG A 685 -3.24 19.22 -7.24
C ARG A 685 -4.27 19.54 -8.33
N TYR A 686 -4.88 18.50 -8.87
CA TYR A 686 -6.02 18.61 -9.82
C TYR A 686 -7.03 19.59 -9.26
N VAL A 687 -7.56 19.28 -8.06
CA VAL A 687 -8.59 20.10 -7.37
C VAL A 687 -8.04 21.51 -7.20
N ALA A 688 -6.84 21.63 -6.60
CA ALA A 688 -6.19 22.93 -6.31
C ALA A 688 -6.15 23.78 -7.58
N ALA A 689 -5.92 23.17 -8.76
CA ALA A 689 -5.82 23.91 -10.04
C ALA A 689 -7.15 24.63 -10.32
N ILE A 690 -8.27 23.96 -10.05
CA ILE A 690 -9.61 24.60 -10.19
C ILE A 690 -9.65 25.80 -9.24
N ALA A 691 -9.30 25.60 -7.96
CA ALA A 691 -9.48 26.57 -6.85
C ALA A 691 -8.64 27.85 -7.08
N ASN A 692 -7.38 27.68 -7.48
CA ASN A 692 -6.39 28.77 -7.59
C ASN A 692 -6.48 29.41 -8.97
N GLY A 693 -7.43 28.98 -9.82
CA GLY A 693 -7.70 29.56 -11.15
C GLY A 693 -6.78 29.05 -12.26
N GLY A 694 -6.11 27.93 -12.05
CA GLY A 694 -5.54 27.12 -13.15
C GLY A 694 -4.04 26.94 -13.06
N ASN A 695 -3.46 27.13 -11.88
CA ASN A 695 -2.01 26.89 -11.62
C ASN A 695 -1.81 25.50 -11.02
N LEU A 696 -1.06 24.64 -11.71
CA LEU A 696 -0.55 23.36 -11.14
C LEU A 696 0.49 23.70 -10.07
N VAL A 697 0.27 23.24 -8.84
CA VAL A 697 1.13 23.57 -7.66
C VAL A 697 1.90 22.33 -7.23
N GLU A 698 3.18 22.49 -6.90
CA GLU A 698 4.08 21.38 -6.50
C GLU A 698 4.05 21.23 -4.98
N LEU A 699 3.48 20.12 -4.48
CA LEU A 699 3.25 19.91 -3.03
C LEU A 699 4.59 19.80 -2.31
N SER A 700 4.59 20.14 -1.03
CA SER A 700 5.80 20.04 -0.17
C SER A 700 5.30 19.76 1.25
N VAL A 701 5.99 18.86 1.96
CA VAL A 701 5.75 18.57 3.39
C VAL A 701 6.87 19.18 4.23
N VAL A 702 8.02 19.52 3.64
CA VAL A 702 9.18 20.07 4.39
C VAL A 702 9.31 21.57 4.07
N ASP A 703 9.08 22.44 5.07
CA ASP A 703 9.00 23.92 4.89
C ASP A 703 10.38 24.54 5.11
N ARG A 704 10.95 24.30 6.30
CA ARG A 704 12.11 25.06 6.83
C ARG A 704 13.08 24.13 7.56
N ALA A 705 14.37 24.47 7.53
CA ALA A 705 15.40 23.92 8.42
C ALA A 705 16.04 25.08 9.18
N VAL A 706 16.34 24.86 10.45
CA VAL A 706 16.88 25.89 11.38
C VAL A 706 18.12 25.29 12.05
N SER A 707 19.28 25.89 11.83
CA SER A 707 20.60 25.43 12.31
C SER A 707 20.72 25.67 13.81
N SER A 708 21.67 25.00 14.46
CA SER A 708 21.96 25.14 15.91
C SER A 708 22.72 26.46 16.16
N ASP A 709 22.45 27.50 15.36
CA ASP A 709 22.82 28.91 15.61
C ASP A 709 21.66 29.84 15.24
N TYR A 710 20.45 29.28 15.09
CA TYR A 710 19.16 29.98 14.83
C TYR A 710 19.18 30.69 13.47
N SER A 711 20.09 30.29 12.57
CA SER A 711 20.02 30.55 11.11
C SER A 711 18.97 29.59 10.50
N SER A 712 18.30 30.02 9.43
CA SER A 712 17.10 29.35 8.88
C SER A 712 17.07 29.39 7.35
N VAL A 713 16.81 28.26 6.70
CA VAL A 713 16.61 28.17 5.22
C VAL A 713 15.17 27.74 4.94
N LYS A 714 14.53 28.38 3.96
CA LYS A 714 13.22 27.92 3.42
C LYS A 714 13.53 26.89 2.32
N ILE A 715 13.06 25.65 2.50
CA ILE A 715 13.40 24.48 1.65
C ILE A 715 12.40 24.37 0.50
N ASN A 716 11.12 24.66 0.73
CA ASN A 716 10.06 24.57 -0.33
C ASN A 716 9.96 25.89 -1.09
N ASP A 717 11.02 26.70 -1.03
CA ASP A 717 11.07 28.09 -1.55
C ASP A 717 11.09 28.10 -3.08
N GLN A 718 11.52 27.00 -3.72
CA GLN A 718 11.66 26.94 -5.20
C GLN A 718 10.60 26.02 -5.83
N LYS A 719 9.56 25.65 -5.07
CA LYS A 719 8.47 24.76 -5.55
C LYS A 719 7.75 25.44 -6.74
N LYS A 720 7.44 24.67 -7.77
CA LYS A 720 6.95 25.20 -9.07
C LYS A 720 5.49 25.60 -8.91
N VAL A 721 5.09 26.69 -9.57
CA VAL A 721 3.66 27.08 -9.73
C VAL A 721 3.43 27.32 -11.22
N GLU A 722 3.33 26.25 -11.99
CA GLU A 722 3.11 26.27 -13.47
C GLU A 722 1.67 26.70 -13.71
N LYS A 723 1.44 27.61 -14.66
CA LYS A 723 0.09 27.94 -15.23
C LYS A 723 -0.24 26.89 -16.29
N ILE A 724 -1.35 26.18 -16.10
CA ILE A 724 -1.78 25.09 -17.02
C ILE A 724 -2.23 25.74 -18.31
N PRO A 725 -1.71 25.27 -19.47
CA PRO A 725 -2.02 25.90 -20.76
C PRO A 725 -3.42 25.52 -21.24
N PHE A 726 -4.43 26.03 -20.54
CA PHE A 726 -5.87 25.86 -20.85
C PHE A 726 -6.26 26.85 -21.95
N LYS A 727 -7.11 26.43 -22.89
CA LYS A 727 -7.69 27.30 -23.95
C LYS A 727 -8.32 28.53 -23.30
N ASN A 728 -9.09 28.35 -22.22
CA ASN A 728 -9.88 29.43 -21.58
C ASN A 728 -10.01 29.15 -20.08
N PRO A 729 -9.05 29.64 -19.25
CA PRO A 729 -9.12 29.49 -17.80
C PRO A 729 -10.48 29.80 -17.15
N ASP A 730 -11.35 30.55 -17.84
CA ASP A 730 -12.63 31.02 -17.28
C ASP A 730 -13.61 29.83 -17.20
N ASN A 731 -13.27 28.70 -17.82
CA ASN A 731 -14.09 27.45 -17.80
C ASN A 731 -14.05 26.78 -16.43
N LEU A 732 -13.01 27.07 -15.63
CA LEU A 732 -12.89 26.56 -14.25
C LEU A 732 -13.95 27.21 -13.38
N LYS A 733 -14.51 28.35 -13.82
CA LYS A 733 -15.56 29.08 -13.07
C LYS A 733 -16.90 28.35 -13.25
N GLU A 734 -17.09 27.67 -14.39
CA GLU A 734 -18.29 26.83 -14.65
C GLU A 734 -18.27 25.60 -13.73
N LEU A 735 -17.10 25.03 -13.45
CA LEU A 735 -16.97 23.84 -12.57
C LEU A 735 -17.30 24.24 -11.13
N THR A 736 -16.76 25.37 -10.67
CA THR A 736 -16.97 25.93 -9.30
C THR A 736 -18.47 26.17 -9.09
N LYS A 737 -19.18 26.68 -10.09
CA LYS A 737 -20.66 26.84 -10.03
C LYS A 737 -21.29 25.47 -9.77
N GLY A 738 -20.86 24.44 -10.52
CA GLY A 738 -21.35 23.06 -10.38
C GLY A 738 -21.00 22.49 -9.02
N MET A 739 -19.79 22.77 -8.53
CA MET A 739 -19.25 22.22 -7.26
C MET A 739 -19.90 22.90 -6.05
N LYS A 740 -20.30 24.16 -6.15
CA LYS A 740 -21.05 24.86 -5.06
C LYS A 740 -22.43 24.20 -4.91
N LEU A 741 -23.10 23.90 -6.03
CA LEU A 741 -24.42 23.22 -6.00
C LEU A 741 -24.27 21.86 -5.30
N VAL A 742 -23.13 21.19 -5.47
CA VAL A 742 -22.88 19.87 -4.81
C VAL A 742 -23.05 20.07 -3.30
N ALA A 743 -22.52 21.17 -2.78
CA ALA A 743 -22.46 21.48 -1.32
C ALA A 743 -23.84 21.91 -0.80
N ARG A 744 -24.62 22.64 -1.59
CA ARG A 744 -25.89 23.30 -1.15
C ARG A 744 -27.09 22.39 -1.40
N GLN A 745 -27.16 21.72 -2.56
CA GLN A 745 -28.35 20.92 -2.96
C GLN A 745 -27.94 19.66 -3.72
N GLY A 746 -26.64 19.34 -3.75
CA GLY A 746 -26.07 18.17 -4.46
C GLY A 746 -25.81 17.01 -3.53
N THR A 747 -24.85 16.16 -3.88
CA THR A 747 -24.54 14.90 -3.16
C THR A 747 -23.80 15.18 -1.86
N ALA A 748 -23.50 16.44 -1.53
CA ALA A 748 -22.76 16.83 -0.30
C ALA A 748 -23.60 17.71 0.63
N LYS A 749 -24.88 17.95 0.30
CA LYS A 749 -25.84 18.79 1.08
C LYS A 749 -25.95 18.31 2.54
N SER A 750 -26.05 16.99 2.78
CA SER A 750 -26.14 16.34 4.12
C SER A 750 -25.05 16.81 5.07
N ALA A 751 -23.93 17.31 4.55
CA ALA A 751 -22.73 17.72 5.33
C ALA A 751 -22.56 19.24 5.29
N PHE A 752 -22.82 19.88 4.15
CA PHE A 752 -22.29 21.23 3.82
C PHE A 752 -23.39 22.25 3.54
N ALA A 753 -24.66 21.83 3.46
CA ALA A 753 -25.81 22.72 3.12
C ALA A 753 -26.05 23.78 4.22
N ASP A 754 -25.82 23.42 5.49
CA ASP A 754 -26.08 24.27 6.68
C ASP A 754 -24.74 24.65 7.32
N PHE A 755 -23.70 24.77 6.48
CA PHE A 755 -22.28 24.91 6.91
C PHE A 755 -21.86 26.36 6.83
N PRO A 756 -21.32 26.94 7.91
CA PRO A 756 -20.97 28.37 7.95
C PRO A 756 -20.02 28.91 6.86
N ILE A 757 -19.28 28.07 6.14
CA ILE A 757 -18.34 28.52 5.07
C ILE A 757 -18.88 28.10 3.69
N ASP A 758 -18.74 28.98 2.71
CA ASP A 758 -19.11 28.69 1.30
C ASP A 758 -18.08 27.72 0.72
N VAL A 759 -18.49 26.47 0.48
CA VAL A 759 -17.63 25.35 -0.03
C VAL A 759 -18.06 24.91 -1.45
N ALA A 760 -17.10 24.81 -2.35
CA ALA A 760 -17.14 24.01 -3.59
C ALA A 760 -16.80 22.57 -3.23
N ALA A 761 -17.60 21.60 -3.66
CA ALA A 761 -17.35 20.16 -3.39
C ALA A 761 -17.67 19.31 -4.61
N LYS A 762 -17.11 18.11 -4.65
CA LYS A 762 -17.60 17.00 -5.50
C LYS A 762 -17.56 15.75 -4.64
N THR A 763 -18.63 14.97 -4.62
CA THR A 763 -18.77 13.77 -3.75
C THR A 763 -19.54 12.71 -4.52
N GLY A 764 -19.27 11.45 -4.21
CA GLY A 764 -19.94 10.31 -4.86
C GLY A 764 -19.58 9.00 -4.21
N THR A 765 -20.45 8.01 -4.40
CA THR A 765 -20.11 6.59 -4.21
C THR A 765 -20.02 5.94 -5.59
N ALA A 766 -19.07 5.03 -5.78
CA ALA A 766 -18.85 4.26 -7.02
C ALA A 766 -18.76 2.78 -6.70
N GLU A 767 -19.16 1.95 -7.66
CA GLU A 767 -19.06 0.46 -7.62
C GLU A 767 -18.01 0.05 -8.65
N LYS A 768 -17.04 -0.77 -8.26
CA LYS A 768 -16.08 -1.43 -9.20
C LYS A 768 -16.61 -2.85 -9.45
N SER A 769 -17.19 -3.08 -10.64
CA SER A 769 -17.77 -4.38 -11.09
C SER A 769 -16.72 -5.49 -11.07
N GLY A 770 -17.09 -6.68 -10.57
CA GLY A 770 -16.28 -7.90 -10.68
C GLY A 770 -15.70 -8.38 -9.35
N LYS A 771 -14.89 -9.44 -9.42
CA LYS A 771 -14.35 -10.20 -8.27
C LYS A 771 -12.83 -10.03 -8.16
N ILE A 772 -12.35 -9.88 -6.93
CA ILE A 772 -10.89 -9.83 -6.62
C ILE A 772 -10.34 -11.23 -6.80
N PRO A 773 -9.39 -11.45 -7.74
CA PRO A 773 -8.75 -12.76 -7.89
C PRO A 773 -7.87 -13.08 -6.68
N THR A 774 -7.64 -14.38 -6.46
CA THR A 774 -6.98 -14.94 -5.24
C THR A 774 -5.50 -15.20 -5.50
N ASP A 775 -4.75 -15.48 -4.41
CA ASP A 775 -3.33 -15.91 -4.41
C ASP A 775 -3.15 -17.16 -5.30
N ASN A 776 -4.04 -18.14 -5.15
CA ASN A 776 -3.92 -19.50 -5.77
C ASN A 776 -5.29 -19.97 -6.29
N GLU A 777 -5.50 -19.82 -7.61
CA GLU A 777 -6.79 -20.09 -8.31
C GLU A 777 -7.09 -21.59 -8.31
N TYR A 778 -6.04 -22.41 -8.47
CA TYR A 778 -6.12 -23.90 -8.44
C TYR A 778 -6.62 -24.35 -7.08
N GLU A 779 -6.17 -23.70 -6.00
CA GLU A 779 -6.46 -24.07 -4.59
C GLU A 779 -7.84 -23.54 -4.20
N TYR A 780 -8.25 -22.40 -4.76
CA TYR A 780 -9.61 -21.83 -4.61
C TYR A 780 -10.62 -22.90 -5.05
N LEU A 781 -10.41 -23.46 -6.24
CA LEU A 781 -11.35 -24.41 -6.88
C LEU A 781 -11.38 -25.71 -6.06
N LYS A 782 -10.23 -26.13 -5.52
CA LYS A 782 -10.11 -27.34 -4.66
C LYS A 782 -10.84 -27.08 -3.34
N SER A 783 -10.81 -25.84 -2.81
CA SER A 783 -11.56 -25.40 -1.61
C SER A 783 -13.06 -25.66 -1.76
N HIS A 784 -13.65 -25.20 -2.87
CA HIS A 784 -15.12 -25.08 -3.05
C HIS A 784 -15.68 -26.20 -3.93
N MET A 785 -14.92 -27.28 -4.12
CA MET A 785 -15.26 -28.40 -5.06
C MET A 785 -16.50 -29.15 -4.57
N SER A 786 -16.73 -29.29 -3.26
CA SER A 786 -17.99 -29.86 -2.72
C SER A 786 -19.14 -28.93 -3.09
N SER A 787 -18.95 -27.62 -2.96
CA SER A 787 -20.01 -26.59 -3.17
C SER A 787 -20.36 -26.53 -4.65
N TYR A 788 -19.52 -27.09 -5.52
CA TYR A 788 -19.80 -27.21 -6.98
C TYR A 788 -20.54 -28.54 -7.25
N ASN A 789 -20.88 -29.28 -6.20
CA ASN A 789 -21.44 -30.66 -6.26
C ASN A 789 -20.58 -31.55 -7.17
N VAL A 790 -19.26 -31.47 -7.03
CA VAL A 790 -18.31 -32.30 -7.83
C VAL A 790 -17.37 -33.06 -6.87
N ASN A 791 -17.08 -34.32 -7.21
CA ASN A 791 -16.15 -35.16 -6.43
C ASN A 791 -14.74 -34.65 -6.76
N LEU A 792 -13.86 -34.51 -5.77
CA LEU A 792 -12.59 -33.80 -5.97
C LEU A 792 -11.64 -34.69 -6.76
N ASN A 793 -11.53 -35.96 -6.38
CA ASN A 793 -10.73 -36.97 -7.12
C ASN A 793 -11.18 -36.99 -8.58
N ASP A 794 -12.48 -36.95 -8.84
CA ASP A 794 -13.04 -37.01 -10.21
C ASP A 794 -12.54 -35.82 -11.02
N ALA A 795 -12.64 -34.62 -10.43
CA ALA A 795 -12.27 -33.33 -11.04
C ALA A 795 -10.79 -33.30 -11.39
N ILE A 796 -9.93 -33.79 -10.49
CA ILE A 796 -8.45 -33.71 -10.66
C ILE A 796 -8.03 -34.67 -11.78
N LYS A 797 -8.57 -35.88 -11.79
CA LYS A 797 -8.23 -36.94 -12.78
C LYS A 797 -8.69 -36.47 -14.16
N LEU A 798 -9.91 -35.94 -14.28
CA LEU A 798 -10.46 -35.47 -15.57
C LEU A 798 -9.63 -34.29 -16.07
N ALA A 799 -9.12 -33.47 -15.14
CA ALA A 799 -8.29 -32.27 -15.45
C ALA A 799 -6.97 -32.73 -16.06
N ASP A 800 -6.32 -33.71 -15.43
CA ASP A 800 -5.07 -34.37 -15.90
C ASP A 800 -5.26 -34.97 -17.29
N LYS A 801 -6.33 -35.75 -17.46
CA LYS A 801 -6.72 -36.40 -18.75
C LYS A 801 -6.73 -35.34 -19.87
N MET A 802 -7.31 -34.17 -19.61
CA MET A 802 -7.51 -33.09 -20.60
C MET A 802 -6.19 -32.37 -20.91
N LYS A 803 -5.33 -32.21 -19.89
CA LYS A 803 -3.94 -31.71 -20.07
C LYS A 803 -3.20 -32.71 -20.97
N ALA A 804 -3.21 -34.00 -20.60
CA ALA A 804 -2.56 -35.11 -21.35
C ALA A 804 -3.01 -35.11 -22.82
N GLU A 805 -4.34 -35.06 -23.06
CA GLU A 805 -4.97 -34.94 -24.40
C GLU A 805 -4.45 -33.68 -25.13
N LYS A 806 -4.20 -32.60 -24.40
CA LYS A 806 -3.61 -31.37 -24.99
C LYS A 806 -2.11 -31.57 -25.23
N GLU A 807 -1.42 -32.32 -24.36
CA GLU A 807 0.04 -32.59 -24.45
C GLU A 807 0.31 -33.53 -25.63
N LYS A 808 -0.42 -34.64 -25.73
CA LYS A 808 -0.36 -35.60 -26.88
C LYS A 808 -0.65 -34.85 -28.18
N GLU A 809 -1.75 -34.10 -28.23
CA GLU A 809 -2.21 -33.30 -29.41
C GLU A 809 -1.14 -32.30 -29.87
N LEU A 810 -0.49 -31.61 -28.92
CA LEU A 810 0.56 -30.57 -29.20
C LEU A 810 1.83 -31.26 -29.72
N SER A 811 2.11 -32.47 -29.24
CA SER A 811 3.30 -33.27 -29.62
C SER A 811 3.22 -33.62 -31.11
N LEU A 812 2.11 -34.23 -31.53
CA LEU A 812 1.86 -34.63 -32.94
C LEU A 812 1.90 -33.39 -33.86
N ALA A 813 1.44 -32.24 -33.37
CA ALA A 813 1.46 -30.95 -34.09
C ALA A 813 2.89 -30.40 -34.17
N LYS A 814 3.74 -30.70 -33.18
CA LYS A 814 5.15 -30.24 -33.12
C LYS A 814 6.02 -31.09 -34.05
N GLU A 815 5.66 -32.36 -34.21
CA GLU A 815 6.27 -33.26 -35.24
C GLU A 815 6.05 -32.65 -36.62
N LYS A 816 4.79 -32.43 -37.00
CA LYS A 816 4.41 -31.82 -38.30
C LYS A 816 5.25 -30.56 -38.54
N GLU A 817 5.45 -29.74 -37.50
CA GLU A 817 6.22 -28.47 -37.61
C GLU A 817 7.68 -28.82 -37.96
N ILE A 818 8.33 -29.67 -37.17
CA ILE A 818 9.79 -29.99 -37.31
C ILE A 818 10.05 -30.60 -38.70
N LYS A 819 9.17 -31.50 -39.15
CA LYS A 819 9.28 -32.17 -40.46
C LYS A 819 9.18 -31.14 -41.59
N LYS A 820 8.29 -30.15 -41.47
CA LYS A 820 8.09 -29.08 -42.49
C LYS A 820 9.32 -28.15 -42.53
N LYS A 821 9.95 -27.90 -41.39
CA LYS A 821 11.19 -27.10 -41.31
C LYS A 821 12.37 -27.93 -41.83
N LEU A 822 12.27 -29.26 -41.70
CA LEU A 822 13.31 -30.19 -42.16
C LEU A 822 13.25 -30.35 -43.69
N GLU A 823 12.08 -30.22 -44.31
CA GLU A 823 11.91 -30.38 -45.77
C GLU A 823 12.49 -29.17 -46.48
N ASN A 824 12.88 -28.15 -45.72
CA ASN A 824 13.49 -26.91 -46.28
C ASN A 824 14.93 -27.26 -46.67
N LYS A 825 15.16 -27.61 -47.94
CA LYS A 825 16.49 -28.06 -48.42
C LYS A 825 17.54 -26.99 -48.03
N ASP A 826 17.37 -25.75 -48.49
CA ASP A 826 18.30 -24.64 -48.18
C ASP A 826 18.14 -24.25 -46.71
N LEU A 827 18.76 -25.03 -45.81
CA LEU A 827 18.71 -24.87 -44.33
C LEU A 827 20.07 -25.26 -43.74
N LYS A 828 20.70 -24.34 -43.00
CA LYS A 828 22.02 -24.56 -42.35
C LYS A 828 21.96 -25.89 -41.60
N ASP A 829 22.96 -26.74 -41.80
CA ASP A 829 22.91 -28.19 -41.48
C ASP A 829 23.41 -28.43 -40.04
N GLU A 830 23.52 -27.38 -39.23
CA GLU A 830 23.81 -27.49 -37.76
C GLU A 830 22.53 -27.24 -36.96
N GLU A 831 21.52 -26.57 -37.53
CA GLU A 831 20.15 -26.46 -36.93
C GLU A 831 19.32 -27.68 -37.34
N ARG A 832 19.47 -28.12 -38.59
CA ARG A 832 18.92 -29.41 -39.10
C ARG A 832 19.26 -30.53 -38.10
N LYS A 833 20.46 -30.49 -37.52
CA LYS A 833 20.94 -31.49 -36.53
C LYS A 833 20.15 -31.32 -35.22
N LYS A 834 19.90 -30.06 -34.80
CA LYS A 834 19.10 -29.72 -33.58
C LYS A 834 17.70 -30.32 -33.71
N LEU A 835 17.01 -29.95 -34.78
CA LEU A 835 15.63 -30.39 -35.10
C LEU A 835 15.57 -31.93 -35.09
N GLU A 836 16.46 -32.59 -35.82
CA GLU A 836 16.53 -34.09 -35.89
C GLU A 836 16.67 -34.68 -34.48
N GLU A 837 17.51 -34.06 -33.64
CA GLU A 837 17.79 -34.48 -32.23
C GLU A 837 16.54 -34.29 -31.37
N GLU A 838 15.83 -33.19 -31.56
CA GLU A 838 14.54 -32.89 -30.86
C GLU A 838 13.54 -33.98 -31.23
N LEU A 839 13.48 -34.33 -32.51
CA LEU A 839 12.48 -35.23 -33.11
C LEU A 839 12.93 -36.70 -32.97
N GLU A 840 14.24 -36.97 -33.08
CA GLU A 840 14.84 -38.32 -32.99
C GLU A 840 14.24 -39.03 -31.78
N ASP A 841 14.34 -38.39 -30.62
CA ASP A 841 13.95 -38.98 -29.31
C ASP A 841 12.43 -39.24 -29.27
N GLY A 842 11.67 -38.62 -30.19
CA GLY A 842 10.21 -38.53 -30.14
C GLY A 842 9.80 -37.30 -29.34
N VAL A 843 8.79 -36.55 -29.79
CA VAL A 843 8.43 -35.21 -29.23
C VAL A 843 7.37 -35.37 -28.12
N LYS A 844 7.70 -34.92 -26.90
CA LYS A 844 6.81 -34.94 -25.70
C LYS A 844 6.65 -33.50 -25.19
N VAL A 845 5.79 -32.71 -25.82
CA VAL A 845 5.40 -31.35 -25.36
C VAL A 845 4.68 -31.47 -24.02
N ARG A 846 5.06 -30.61 -23.05
CA ARG A 846 4.46 -30.55 -21.70
C ARG A 846 3.93 -29.13 -21.45
N LEU A 847 2.79 -29.02 -20.77
CA LEU A 847 2.17 -27.72 -20.37
C LEU A 847 3.03 -27.10 -19.26
N GLU A 848 3.20 -25.77 -19.30
CA GLU A 848 3.88 -25.00 -18.23
C GLU A 848 3.08 -25.23 -16.95
N ASP A 849 3.76 -25.67 -15.89
CA ASP A 849 3.16 -25.93 -14.56
C ASP A 849 2.86 -24.60 -13.84
N THR A 850 2.34 -23.59 -14.54
CA THR A 850 1.78 -22.35 -13.93
C THR A 850 0.46 -22.67 -13.21
N ASP A 851 0.13 -21.87 -12.18
CA ASP A 851 -1.17 -21.86 -11.47
C ASP A 851 -2.28 -21.52 -12.48
N LYS A 852 -1.98 -20.71 -13.49
CA LYS A 852 -2.96 -20.32 -14.53
C LYS A 852 -3.36 -21.55 -15.36
N VAL A 853 -2.39 -22.41 -15.70
CA VAL A 853 -2.63 -23.62 -16.55
C VAL A 853 -3.50 -24.61 -15.75
N ASN A 854 -3.03 -25.04 -14.58
CA ASN A 854 -3.71 -26.06 -13.72
C ASN A 854 -5.13 -25.62 -13.35
N SER A 855 -5.35 -24.31 -13.21
CA SER A 855 -6.64 -23.67 -12.85
C SER A 855 -7.61 -23.76 -14.03
N SER A 856 -7.12 -23.45 -15.22
CA SER A 856 -7.91 -23.46 -16.48
C SER A 856 -8.53 -24.84 -16.65
N TYR A 857 -7.77 -25.90 -16.42
CA TYR A 857 -8.15 -27.30 -16.74
C TYR A 857 -9.05 -27.83 -15.63
N LEU A 858 -8.83 -27.47 -14.37
CA LEU A 858 -9.69 -27.93 -13.25
C LEU A 858 -11.05 -27.26 -13.39
N ARG A 859 -11.08 -26.03 -13.88
CA ARG A 859 -12.33 -25.27 -14.14
C ARG A 859 -13.16 -25.95 -15.25
N LYS A 860 -12.51 -26.56 -16.23
CA LYS A 860 -13.18 -27.17 -17.42
C LYS A 860 -13.64 -28.58 -17.05
N ALA A 861 -12.91 -29.23 -16.13
CA ALA A 861 -13.33 -30.47 -15.44
C ALA A 861 -14.58 -30.20 -14.58
N ILE A 862 -14.64 -29.06 -13.88
CA ILE A 862 -15.81 -28.67 -13.02
C ILE A 862 -17.06 -28.57 -13.91
N LYS A 863 -16.97 -27.81 -15.01
CA LYS A 863 -18.10 -27.53 -15.94
C LYS A 863 -18.56 -28.82 -16.64
N GLU A 864 -17.66 -29.77 -16.87
CA GLU A 864 -18.01 -31.05 -17.54
C GLU A 864 -18.80 -31.93 -16.55
N LEU A 865 -18.29 -32.08 -15.33
CA LEU A 865 -18.84 -32.97 -14.27
C LEU A 865 -20.06 -32.30 -13.62
N ASN A 866 -20.18 -30.97 -13.67
CA ASN A 866 -21.43 -30.25 -13.34
C ASN A 866 -21.80 -29.39 -14.54
N PRO A 867 -22.63 -29.91 -15.46
CA PRO A 867 -22.83 -29.26 -16.75
C PRO A 867 -23.71 -28.00 -16.68
N LYS A 868 -24.34 -27.72 -15.52
CA LYS A 868 -25.20 -26.52 -15.37
C LYS A 868 -24.46 -25.40 -14.61
N ILE A 869 -23.38 -25.65 -13.84
CA ILE A 869 -22.66 -24.58 -13.09
C ILE A 869 -22.11 -23.54 -14.07
N THR A 870 -22.23 -22.25 -13.72
CA THR A 870 -21.73 -21.06 -14.47
C THR A 870 -20.39 -20.59 -13.90
N ASP A 871 -19.79 -19.55 -14.48
CA ASP A 871 -18.48 -19.00 -14.03
C ASP A 871 -18.69 -18.19 -12.76
N ASP A 872 -19.78 -17.43 -12.67
CA ASP A 872 -20.10 -16.57 -11.48
C ASP A 872 -20.29 -17.48 -10.27
N GLN A 873 -20.93 -18.62 -10.48
CA GLN A 873 -21.26 -19.58 -9.39
C GLN A 873 -19.97 -20.20 -8.85
N ILE A 874 -19.02 -20.49 -9.75
CA ILE A 874 -17.66 -21.00 -9.39
C ILE A 874 -16.92 -19.91 -8.61
N ASP A 875 -17.05 -18.65 -9.04
CA ASP A 875 -16.28 -17.49 -8.51
C ASP A 875 -16.99 -16.85 -7.30
N ARG A 876 -18.09 -17.44 -6.82
CA ARG A 876 -19.01 -16.73 -5.90
C ARG A 876 -18.33 -16.54 -4.55
N PHE A 877 -17.35 -17.37 -4.20
CA PHE A 877 -16.68 -17.33 -2.87
C PHE A 877 -15.62 -16.21 -2.82
N LYS A 878 -15.22 -15.67 -3.98
CA LYS A 878 -14.24 -14.54 -4.06
C LYS A 878 -14.90 -13.28 -3.50
N GLN A 879 -14.10 -12.37 -2.92
CA GLN A 879 -14.50 -11.01 -2.48
C GLN A 879 -14.72 -10.13 -3.72
N ASP A 880 -15.81 -9.35 -3.74
CA ASP A 880 -16.06 -8.30 -4.76
C ASP A 880 -15.03 -7.19 -4.56
N TYR A 881 -14.63 -6.50 -5.64
CA TYR A 881 -13.83 -5.25 -5.58
C TYR A 881 -14.54 -4.28 -4.64
N GLY A 882 -15.86 -4.23 -4.75
CA GLY A 882 -16.74 -3.51 -3.82
C GLY A 882 -16.91 -2.06 -4.22
N SER A 883 -17.15 -1.20 -3.25
CA SER A 883 -17.51 0.23 -3.48
C SER A 883 -16.49 1.15 -2.81
N PHE A 884 -16.40 2.39 -3.29
CA PHE A 884 -15.49 3.41 -2.72
C PHE A 884 -16.17 4.78 -2.83
N THR A 885 -15.74 5.70 -1.98
CA THR A 885 -16.30 7.06 -1.90
C THR A 885 -15.14 8.04 -1.77
N TRP A 886 -15.05 8.99 -2.70
CA TRP A 886 -14.22 10.20 -2.58
C TRP A 886 -15.14 11.35 -2.17
N THR A 887 -14.62 12.31 -1.41
CA THR A 887 -15.12 13.71 -1.37
C THR A 887 -13.90 14.56 -1.72
N VAL A 888 -14.07 15.58 -2.55
CA VAL A 888 -13.01 16.61 -2.80
C VAL A 888 -13.67 17.98 -2.59
N ALA A 889 -12.95 18.90 -1.96
CA ALA A 889 -13.48 20.24 -1.62
C ALA A 889 -12.35 21.25 -1.69
N PHE A 890 -12.71 22.51 -1.97
CA PHE A 890 -11.89 23.71 -1.63
C PHE A 890 -12.81 24.76 -0.99
N ALA A 891 -12.24 25.69 -0.24
CA ALA A 891 -13.00 26.69 0.57
C ALA A 891 -12.07 27.82 1.00
N PRO A 892 -12.59 29.03 1.28
CA PRO A 892 -13.96 29.41 0.92
C PRO A 892 -14.02 29.52 -0.61
N ALA A 893 -15.13 29.09 -1.21
CA ALA A 893 -15.22 28.74 -2.65
C ALA A 893 -14.92 29.96 -3.53
N ASP A 894 -15.22 31.18 -3.05
CA ASP A 894 -15.13 32.40 -3.88
C ASP A 894 -13.72 32.99 -3.83
N ASP A 895 -12.95 32.65 -2.80
CA ASP A 895 -11.51 33.03 -2.66
C ASP A 895 -10.79 31.91 -1.93
N PRO A 896 -10.46 30.77 -2.61
CA PRO A 896 -10.05 29.55 -1.92
C PRO A 896 -8.66 29.62 -1.28
N GLU A 897 -8.56 29.10 -0.05
CA GLU A 897 -7.29 28.95 0.71
C GLU A 897 -6.84 27.48 0.68
N ILE A 898 -7.74 26.56 1.02
CA ILE A 898 -7.43 25.11 1.27
C ILE A 898 -8.25 24.23 0.31
N ALA A 899 -7.62 23.18 -0.24
CA ALA A 899 -8.31 22.04 -0.89
C ALA A 899 -8.16 20.81 0.00
N VAL A 900 -9.21 20.02 0.12
CA VAL A 900 -9.19 18.75 0.91
C VAL A 900 -9.65 17.62 -0.01
N VAL A 901 -8.95 16.49 0.06
CA VAL A 901 -9.26 15.26 -0.71
C VAL A 901 -9.26 14.10 0.26
N CYS A 902 -10.34 13.33 0.26
CA CYS A 902 -10.58 12.21 1.21
C CYS A 902 -11.13 11.02 0.43
N VAL A 903 -10.45 9.89 0.46
CA VAL A 903 -10.94 8.63 -0.18
C VAL A 903 -11.16 7.59 0.93
N ILE A 904 -12.28 6.90 0.83
CA ILE A 904 -12.62 5.73 1.68
C ILE A 904 -12.78 4.53 0.76
N PRO A 905 -11.73 3.69 0.60
CA PRO A 905 -11.86 2.48 -0.20
C PRO A 905 -12.80 1.51 0.53
N GLN A 906 -13.56 0.70 -0.23
CA GLN A 906 -14.52 -0.28 0.34
C GLN A 906 -15.57 0.49 1.14
N GLY A 907 -15.97 1.68 0.63
CA GLY A 907 -16.92 2.60 1.30
C GLY A 907 -18.28 2.60 0.62
N ASP A 908 -19.32 2.26 1.38
CA ASP A 908 -20.73 2.06 0.93
C ASP A 908 -21.42 3.41 0.66
N SER A 909 -21.06 4.44 1.44
CA SER A 909 -21.81 5.70 1.60
C SER A 909 -20.89 6.92 1.43
N SER A 910 -21.40 7.98 0.81
CA SER A 910 -20.68 9.28 0.66
C SER A 910 -20.41 9.94 2.02
N VAL A 911 -21.16 9.58 3.06
CA VAL A 911 -21.00 10.13 4.44
C VAL A 911 -19.58 9.85 4.94
N PHE A 912 -19.06 8.66 4.64
CA PHE A 912 -17.75 8.20 5.18
C PHE A 912 -16.65 9.19 4.74
N SER A 913 -16.72 9.65 3.49
CA SER A 913 -15.74 10.59 2.90
C SER A 913 -16.15 12.07 3.12
N LEU A 914 -17.44 12.35 3.38
CA LEU A 914 -17.94 13.74 3.56
C LEU A 914 -17.55 14.33 4.93
N LEU A 915 -17.64 13.54 6.00
CA LEU A 915 -17.57 14.09 7.38
C LEU A 915 -16.13 14.41 7.76
N PRO A 916 -15.13 13.56 7.42
CA PRO A 916 -13.74 13.89 7.70
C PRO A 916 -13.34 15.20 7.00
N THR A 917 -13.82 15.42 5.79
CA THR A 917 -13.57 16.64 4.98
C THR A 917 -14.14 17.86 5.71
N ARG A 918 -15.37 17.74 6.24
CA ARG A 918 -16.03 18.86 6.94
C ARG A 918 -15.20 19.20 8.19
N GLU A 919 -14.88 18.22 9.03
CA GLU A 919 -14.10 18.45 10.27
C GLU A 919 -12.84 19.29 9.97
N VAL A 920 -12.14 18.92 8.90
CA VAL A 920 -10.82 19.50 8.56
C VAL A 920 -11.01 20.92 8.01
N ILE A 921 -12.00 21.14 7.14
CA ILE A 921 -12.29 22.49 6.58
C ILE A 921 -12.77 23.40 7.71
N GLY A 922 -13.62 22.89 8.58
CA GLY A 922 -14.09 23.66 9.74
C GLY A 922 -12.93 24.04 10.63
N THR A 923 -12.13 23.06 11.06
CA THR A 923 -10.93 23.33 11.88
C THR A 923 -10.08 24.40 11.21
N TYR A 924 -9.78 24.26 9.91
CA TYR A 924 -8.80 25.12 9.21
C TYR A 924 -9.34 26.55 9.19
N MET A 925 -10.64 26.70 8.89
CA MET A 925 -11.33 28.01 8.70
C MET A 925 -11.68 28.64 10.06
N GLY A 926 -11.34 28.01 11.18
CA GLY A 926 -11.33 28.67 12.51
C GLY A 926 -12.53 28.31 13.37
N LEU A 927 -13.55 27.68 12.79
CA LEU A 927 -14.72 27.14 13.53
C LEU A 927 -14.24 26.02 14.46
#